data_5VBJ
# 
_entry.id   5VBJ 
# 
_audit_conform.dict_name       mmcif_pdbx.dic 
_audit_conform.dict_version    5.387 
_audit_conform.dict_location   http://mmcif.pdb.org/dictionaries/ascii/mmcif_pdbx.dic 
# 
loop_
_database_2.database_id 
_database_2.database_code 
_database_2.pdbx_database_accession 
_database_2.pdbx_DOI 
PDB   5VBJ         pdb_00005vbj 10.2210/pdb5vbj/pdb 
WWPDB D_1000226914 ?            ?                   
# 
loop_
_pdbx_audit_revision_history.ordinal 
_pdbx_audit_revision_history.data_content_type 
_pdbx_audit_revision_history.major_revision 
_pdbx_audit_revision_history.minor_revision 
_pdbx_audit_revision_history.revision_date 
1 'Structure model' 1 0 2017-08-09 
2 'Structure model' 1 1 2018-03-07 
3 'Structure model' 1 2 2019-03-20 
4 'Structure model' 1 3 2019-11-27 
5 'Structure model' 1 4 2024-03-06 
# 
_pdbx_audit_revision_details.ordinal             1 
_pdbx_audit_revision_details.revision_ordinal    1 
_pdbx_audit_revision_details.data_content_type   'Structure model' 
_pdbx_audit_revision_details.provider            repository 
_pdbx_audit_revision_details.type                'Initial release' 
_pdbx_audit_revision_details.description         ? 
_pdbx_audit_revision_details.details             ? 
# 
loop_
_pdbx_audit_revision_group.ordinal 
_pdbx_audit_revision_group.revision_ordinal 
_pdbx_audit_revision_group.data_content_type 
_pdbx_audit_revision_group.group 
1 2 'Structure model' 'Data collection'            
2 3 'Structure model' 'Data collection'            
3 3 'Structure model' 'Database references'        
4 4 'Structure model' 'Author supporting evidence' 
5 5 'Structure model' 'Data collection'            
6 5 'Structure model' 'Database references'        
7 5 'Structure model' 'Derived calculations'       
# 
loop_
_pdbx_audit_revision_category.ordinal 
_pdbx_audit_revision_category.revision_ordinal 
_pdbx_audit_revision_category.data_content_type 
_pdbx_audit_revision_category.category 
1 2 'Structure model' diffrn_source          
2 3 'Structure model' citation               
3 3 'Structure model' citation_author        
4 4 'Structure model' pdbx_audit_support     
5 5 'Structure model' chem_comp_atom         
6 5 'Structure model' chem_comp_bond         
7 5 'Structure model' database_2             
8 5 'Structure model' pdbx_struct_conn_angle 
9 5 'Structure model' struct_conn            
# 
loop_
_pdbx_audit_revision_item.ordinal 
_pdbx_audit_revision_item.revision_ordinal 
_pdbx_audit_revision_item.data_content_type 
_pdbx_audit_revision_item.item 
1  2 'Structure model' '_diffrn_source.source'                       
2  3 'Structure model' '_citation.country'                           
3  3 'Structure model' '_citation.journal_abbrev'                    
4  3 'Structure model' '_citation.journal_id_CSD'                    
5  3 'Structure model' '_citation.journal_id_ISSN'                   
6  3 'Structure model' '_citation.journal_volume'                    
7  3 'Structure model' '_citation.page_first'                        
8  3 'Structure model' '_citation.page_last'                         
9  3 'Structure model' '_citation.pdbx_database_id_DOI'              
10 3 'Structure model' '_citation.pdbx_database_id_PubMed'           
11 3 'Structure model' '_citation.title'                             
12 3 'Structure model' '_citation.year'                              
13 4 'Structure model' '_pdbx_audit_support.funding_organization'    
14 5 'Structure model' '_database_2.pdbx_DOI'                        
15 5 'Structure model' '_database_2.pdbx_database_accession'         
16 5 'Structure model' '_pdbx_struct_conn_angle.ptnr1_auth_asym_id'  
17 5 'Structure model' '_pdbx_struct_conn_angle.ptnr1_auth_seq_id'   
18 5 'Structure model' '_pdbx_struct_conn_angle.ptnr1_label_asym_id' 
19 5 'Structure model' '_pdbx_struct_conn_angle.ptnr1_symmetry'      
20 5 'Structure model' '_pdbx_struct_conn_angle.ptnr3_auth_asym_id'  
21 5 'Structure model' '_pdbx_struct_conn_angle.ptnr3_auth_seq_id'   
22 5 'Structure model' '_pdbx_struct_conn_angle.ptnr3_label_asym_id' 
23 5 'Structure model' '_pdbx_struct_conn_angle.ptnr3_symmetry'      
24 5 'Structure model' '_pdbx_struct_conn_angle.value'               
25 5 'Structure model' '_struct_conn.pdbx_dist_value'                
26 5 'Structure model' '_struct_conn.ptnr1_auth_asym_id'             
27 5 'Structure model' '_struct_conn.ptnr1_auth_comp_id'             
28 5 'Structure model' '_struct_conn.ptnr1_auth_seq_id'              
29 5 'Structure model' '_struct_conn.ptnr1_label_asym_id'            
30 5 'Structure model' '_struct_conn.ptnr1_label_atom_id'            
31 5 'Structure model' '_struct_conn.ptnr1_label_comp_id'            
32 5 'Structure model' '_struct_conn.ptnr1_symmetry'                 
33 5 'Structure model' '_struct_conn.ptnr2_auth_asym_id'             
34 5 'Structure model' '_struct_conn.ptnr2_auth_comp_id'             
35 5 'Structure model' '_struct_conn.ptnr2_auth_seq_id'              
36 5 'Structure model' '_struct_conn.ptnr2_label_asym_id'            
37 5 'Structure model' '_struct_conn.ptnr2_label_atom_id'            
38 5 'Structure model' '_struct_conn.ptnr2_label_comp_id'            
39 5 'Structure model' '_struct_conn.ptnr2_symmetry'                 
# 
_pdbx_database_status.status_code                     REL 
_pdbx_database_status.status_code_sf                  REL 
_pdbx_database_status.status_code_mr                  ? 
_pdbx_database_status.entry_id                        5VBJ 
_pdbx_database_status.recvd_initial_deposition_date   2017-03-29 
_pdbx_database_status.SG_entry                        N 
_pdbx_database_status.deposit_site                    RCSB 
_pdbx_database_status.process_site                    RCSB 
_pdbx_database_status.status_code_cs                  ? 
_pdbx_database_status.methods_development_category    ? 
_pdbx_database_status.pdb_format_compatible           Y 
_pdbx_database_status.status_code_nmr_data            ? 
# 
loop_
_audit_author.name 
_audit_author.pdbx_ordinal 
_audit_author.identifier_ORCID 
'Ford, M.C.' 1 ? 
'Ho, P.S.'   2 ? 
# 
_citation.abstract                  ? 
_citation.abstract_id_CAS           ? 
_citation.book_id_ISBN              ? 
_citation.book_publisher            ? 
_citation.book_publisher_city       ? 
_citation.book_title                ? 
_citation.coordinate_linkage        ? 
_citation.country                   US 
_citation.database_id_Medline       ? 
_citation.details                   ? 
_citation.id                        primary 
_citation.journal_abbrev            'J Phys Chem Lett' 
_citation.journal_id_ASTM           ? 
_citation.journal_id_CSD            ? 
_citation.journal_id_ISSN           1948-7185 
_citation.journal_full              ? 
_citation.journal_issue             ? 
_citation.journal_volume            8 
_citation.language                  ? 
_citation.page_first                4246 
_citation.page_last                 4252 
_citation.title                     'Sulfur as an Acceptor to Bromine in Biomolecular Halogen Bonds.' 
_citation.year                      2017 
_citation.database_id_CSD           ? 
_citation.pdbx_database_id_DOI      10.1021/acs.jpclett.7b01725 
_citation.pdbx_database_id_PubMed   28796521 
_citation.unpublished_flag          ? 
# 
loop_
_citation_author.citation_id 
_citation_author.name 
_citation_author.ordinal 
_citation_author.identifier_ORCID 
primary 'Ford, M.C.' 1 0000-0002-0253-5389 
primary 'Saxton, M.' 2 ?                   
primary 'Ho, P.S.'   3 0000-0002-8082-4311 
# 
loop_
_entity.id 
_entity.type 
_entity.src_method 
_entity.pdbx_description 
_entity.formula_weight 
_entity.pdbx_number_of_molecules 
_entity.pdbx_ec 
_entity.pdbx_mutation 
_entity.pdbx_fragment 
_entity.details 
1 polymer     syn 
;DNA (5'-D(*CP*CP*GP*AP*TP*(AS)P*(BRU)P*CP*GP*G)-3')
;
3125.939 2  ? ? ? ? 
2 non-polymer syn 'CALCIUM ION'                                         40.078   1  ? ? ? ? 
3 water       nat water                                                 18.015   28 ? ? ? ? 
# 
_entity_poly.entity_id                      1 
_entity_poly.type                           polydeoxyribonucleotide 
_entity_poly.nstd_linkage                   no 
_entity_poly.nstd_monomer                   yes 
_entity_poly.pdbx_seq_one_letter_code       '(DC)(DC)(DG)(DA)(DT)(AS)(BRU)(DC)(DG)(DG)' 
_entity_poly.pdbx_seq_one_letter_code_can   CCGATAUCGG 
_entity_poly.pdbx_strand_id                 A,B 
_entity_poly.pdbx_target_identifier         ? 
# 
loop_
_pdbx_entity_nonpoly.entity_id 
_pdbx_entity_nonpoly.name 
_pdbx_entity_nonpoly.comp_id 
2 'CALCIUM ION' CA  
3 water         HOH 
# 
loop_
_entity_poly_seq.entity_id 
_entity_poly_seq.num 
_entity_poly_seq.mon_id 
_entity_poly_seq.hetero 
1 1  DC  n 
1 2  DC  n 
1 3  DG  n 
1 4  DA  n 
1 5  DT  n 
1 6  AS  n 
1 7  BRU n 
1 8  DC  n 
1 9  DG  n 
1 10 DG  n 
# 
_pdbx_entity_src_syn.entity_id              1 
_pdbx_entity_src_syn.pdbx_src_id            1 
_pdbx_entity_src_syn.pdbx_alt_source_flag   sample 
_pdbx_entity_src_syn.pdbx_beg_seq_num       1 
_pdbx_entity_src_syn.pdbx_end_seq_num       10 
_pdbx_entity_src_syn.organism_scientific    'synthetic construct' 
_pdbx_entity_src_syn.organism_common_name   ? 
_pdbx_entity_src_syn.ncbi_taxonomy_id       32630 
_pdbx_entity_src_syn.details                ? 
# 
loop_
_chem_comp.id 
_chem_comp.type 
_chem_comp.mon_nstd_flag 
_chem_comp.name 
_chem_comp.pdbx_synonyms 
_chem_comp.formula 
_chem_comp.formula_weight 
AS  'DNA linking' n 
;2-DEOXY-ADENOSINE -5'-THIO-MONOPHOSPHATE
;
? 'C10 H14 N5 O5 P S' 347.287 
BRU 'DNA linking' n "5-BROMO-2'-DEOXYURIDINE-5'-MONOPHOSPHATE" ? 'C9 H12 Br N2 O8 P' 387.078 
CA  non-polymer   . 'CALCIUM ION'                              ? 'Ca 2'              40.078  
DA  'DNA linking' y "2'-DEOXYADENOSINE-5'-MONOPHOSPHATE"       ? 'C10 H14 N5 O6 P'   331.222 
DC  'DNA linking' y "2'-DEOXYCYTIDINE-5'-MONOPHOSPHATE"        ? 'C9 H14 N3 O7 P'    307.197 
DG  'DNA linking' y "2'-DEOXYGUANOSINE-5'-MONOPHOSPHATE"       ? 'C10 H14 N5 O7 P'   347.221 
DT  'DNA linking' y "THYMIDINE-5'-MONOPHOSPHATE"               ? 'C10 H15 N2 O8 P'   322.208 
HOH non-polymer   . WATER                                      ? 'H2 O'              18.015  
# 
loop_
_pdbx_poly_seq_scheme.asym_id 
_pdbx_poly_seq_scheme.entity_id 
_pdbx_poly_seq_scheme.seq_id 
_pdbx_poly_seq_scheme.mon_id 
_pdbx_poly_seq_scheme.ndb_seq_num 
_pdbx_poly_seq_scheme.pdb_seq_num 
_pdbx_poly_seq_scheme.auth_seq_num 
_pdbx_poly_seq_scheme.pdb_mon_id 
_pdbx_poly_seq_scheme.auth_mon_id 
_pdbx_poly_seq_scheme.pdb_strand_id 
_pdbx_poly_seq_scheme.pdb_ins_code 
_pdbx_poly_seq_scheme.hetero 
A 1 1  DC  1  1  1  DC  DC  A . n 
A 1 2  DC  2  2  2  DC  DC  A . n 
A 1 3  DG  3  3  3  DG  DG  A . n 
A 1 4  DA  4  4  4  DA  DA  A . n 
A 1 5  DT  5  5  5  DT  DT  A . n 
A 1 6  AS  6  6  6  AS  AS  A . n 
A 1 7  BRU 7  7  7  BRU BRU A . n 
A 1 8  DC  8  8  8  DC  DC  A . n 
A 1 9  DG  9  9  9  DG  DG  A . n 
A 1 10 DG  10 10 10 DG  DG  A . n 
B 1 1  DC  1  11 11 DC  DC  B . n 
B 1 2  DC  2  12 12 DC  DC  B . n 
B 1 3  DG  3  13 13 DG  DG  B . n 
B 1 4  DA  4  14 14 DA  DA  B . n 
B 1 5  DT  5  15 15 DT  DT  B . n 
B 1 6  AS  6  16 16 AS  AS  B . n 
B 1 7  BRU 7  17 17 BRU BRU B . n 
B 1 8  DC  8  18 18 DC  DC  B . n 
B 1 9  DG  9  19 19 DG  DG  B . n 
B 1 10 DG  10 20 20 DG  DG  B . n 
# 
loop_
_pdbx_nonpoly_scheme.asym_id 
_pdbx_nonpoly_scheme.entity_id 
_pdbx_nonpoly_scheme.mon_id 
_pdbx_nonpoly_scheme.ndb_seq_num 
_pdbx_nonpoly_scheme.pdb_seq_num 
_pdbx_nonpoly_scheme.auth_seq_num 
_pdbx_nonpoly_scheme.pdb_mon_id 
_pdbx_nonpoly_scheme.auth_mon_id 
_pdbx_nonpoly_scheme.pdb_strand_id 
_pdbx_nonpoly_scheme.pdb_ins_code 
C 2 CA  1  101 29 CA  CA  B . 
D 3 HOH 1  101 3  HOH HOH A . 
D 3 HOH 2  102 9  HOH HOH A . 
D 3 HOH 3  103 11 HOH HOH A . 
D 3 HOH 4  104 23 HOH HOH A . 
D 3 HOH 5  105 14 HOH HOH A . 
D 3 HOH 6  106 13 HOH HOH A . 
D 3 HOH 7  107 24 HOH HOH A . 
D 3 HOH 8  108 28 HOH HOH A . 
D 3 HOH 9  109 17 HOH HOH A . 
D 3 HOH 10 110 5  HOH HOH A . 
D 3 HOH 11 111 12 HOH HOH A . 
D 3 HOH 12 112 26 HOH HOH A . 
D 3 HOH 13 113 27 HOH HOH A . 
D 3 HOH 14 114 7  HOH HOH A . 
D 3 HOH 15 115 18 HOH HOH A . 
D 3 HOH 16 116 22 HOH HOH A . 
E 3 HOH 1  201 15 HOH HOH B . 
E 3 HOH 2  202 2  HOH HOH B . 
E 3 HOH 3  203 10 HOH HOH B . 
E 3 HOH 4  204 21 HOH HOH B . 
E 3 HOH 5  205 19 HOH HOH B . 
E 3 HOH 6  206 1  HOH HOH B . 
E 3 HOH 7  207 8  HOH HOH B . 
E 3 HOH 8  208 4  HOH HOH B . 
E 3 HOH 9  209 6  HOH HOH B . 
E 3 HOH 10 210 16 HOH HOH B . 
E 3 HOH 11 211 20 HOH HOH B . 
E 3 HOH 12 212 25 HOH HOH B . 
# 
loop_
_software.citation_id 
_software.classification 
_software.compiler_name 
_software.compiler_version 
_software.contact_author 
_software.contact_author_email 
_software.date 
_software.description 
_software.dependencies 
_software.hardware 
_software.language 
_software.location 
_software.mods 
_software.name 
_software.os 
_software.os_version 
_software.type 
_software.version 
_software.pdbx_ordinal 
? refinement       ? ? ? ? ? ? ? ? ? ? ? PHENIX   ? ? ? 1.11.1_2575 1 
? 'data reduction' ? ? ? ? ? ? ? ? ? ? ? HKL-2000 ? ? ? .           2 
? 'data scaling'   ? ? ? ? ? ? ? ? ? ? ? HKL-3000 ? ? ? .           3 
? phasing          ? ? ? ? ? ? ? ? ? ? ? PHENIX   ? ? ? .           4 
# 
_cell.angle_alpha                  90.00 
_cell.angle_alpha_esd              ? 
_cell.angle_beta                   112.32 
_cell.angle_beta_esd               ? 
_cell.angle_gamma                  90.00 
_cell.angle_gamma_esd              ? 
_cell.entry_id                     5VBJ 
_cell.details                      ? 
_cell.formula_units_Z              ? 
_cell.length_a                     64.165 
_cell.length_a_esd                 ? 
_cell.length_b                     23.981 
_cell.length_b_esd                 ? 
_cell.length_c                     37.815 
_cell.length_c_esd                 ? 
_cell.volume                       ? 
_cell.volume_esd                   ? 
_cell.Z_PDB                        8 
_cell.reciprocal_angle_alpha       ? 
_cell.reciprocal_angle_beta        ? 
_cell.reciprocal_angle_gamma       ? 
_cell.reciprocal_angle_alpha_esd   ? 
_cell.reciprocal_angle_beta_esd    ? 
_cell.reciprocal_angle_gamma_esd   ? 
_cell.reciprocal_length_a          ? 
_cell.reciprocal_length_b          ? 
_cell.reciprocal_length_c          ? 
_cell.reciprocal_length_a_esd      ? 
_cell.reciprocal_length_b_esd      ? 
_cell.reciprocal_length_c_esd      ? 
_cell.pdbx_unique_axis             ? 
# 
_symmetry.entry_id                         5VBJ 
_symmetry.cell_setting                     ? 
_symmetry.Int_Tables_number                5 
_symmetry.space_group_name_Hall            ? 
_symmetry.space_group_name_H-M             'C 1 2 1' 
_symmetry.pdbx_full_space_group_name_H-M   ? 
# 
_exptl.absorpt_coefficient_mu     ? 
_exptl.absorpt_correction_T_max   ? 
_exptl.absorpt_correction_T_min   ? 
_exptl.absorpt_correction_type    ? 
_exptl.absorpt_process_details    ? 
_exptl.entry_id                   5VBJ 
_exptl.crystals_number            1 
_exptl.details                    ? 
_exptl.method                     'X-RAY DIFFRACTION' 
_exptl.method_details             ? 
# 
_exptl_crystal.colour                      ? 
_exptl_crystal.density_diffrn              ? 
_exptl_crystal.density_Matthews            2.15 
_exptl_crystal.density_method              ? 
_exptl_crystal.density_percent_sol         42.86 
_exptl_crystal.description                 ? 
_exptl_crystal.F_000                       ? 
_exptl_crystal.id                          1 
_exptl_crystal.preparation                 ? 
_exptl_crystal.size_max                    ? 
_exptl_crystal.size_mid                    ? 
_exptl_crystal.size_min                    ? 
_exptl_crystal.size_rad                    ? 
_exptl_crystal.colour_lustre               ? 
_exptl_crystal.colour_modifier             ? 
_exptl_crystal.colour_primary              ? 
_exptl_crystal.density_meas                ? 
_exptl_crystal.density_meas_esd            ? 
_exptl_crystal.density_meas_gt             ? 
_exptl_crystal.density_meas_lt             ? 
_exptl_crystal.density_meas_temp           ? 
_exptl_crystal.density_meas_temp_esd       ? 
_exptl_crystal.density_meas_temp_gt        ? 
_exptl_crystal.density_meas_temp_lt        ? 
_exptl_crystal.pdbx_crystal_image_url      ? 
_exptl_crystal.pdbx_crystal_image_format   ? 
_exptl_crystal.pdbx_mosaicity              ? 
_exptl_crystal.pdbx_mosaicity_esd          ? 
# 
_exptl_crystal_grow.apparatus       ? 
_exptl_crystal_grow.atmosphere      ? 
_exptl_crystal_grow.crystal_id      1 
_exptl_crystal_grow.details         ? 
_exptl_crystal_grow.method          'VAPOR DIFFUSION, HANGING DROP' 
_exptl_crystal_grow.method_ref      ? 
_exptl_crystal_grow.pH              7 
_exptl_crystal_grow.pressure        ? 
_exptl_crystal_grow.pressure_esd    ? 
_exptl_crystal_grow.seeding         ? 
_exptl_crystal_grow.seeding_ref     ? 
_exptl_crystal_grow.temp            298.15 
_exptl_crystal_grow.temp_details    ? 
_exptl_crystal_grow.temp_esd        ? 
_exptl_crystal_grow.time            ? 
_exptl_crystal_grow.pdbx_details    '25 mM sodium cacodylate, 15 mM calcium chloride, 1.0 mM spermine, and 0.75 mM  DNA' 
_exptl_crystal_grow.pdbx_pH_range   ? 
# 
_diffrn.ambient_environment    ? 
_diffrn.ambient_temp           100 
_diffrn.ambient_temp_details   ? 
_diffrn.ambient_temp_esd       ? 
_diffrn.crystal_id             1 
_diffrn.crystal_support        ? 
_diffrn.crystal_treatment      ? 
_diffrn.details                ? 
_diffrn.id                     1 
_diffrn.ambient_pressure       ? 
_diffrn.ambient_pressure_esd   ? 
_diffrn.ambient_pressure_gt    ? 
_diffrn.ambient_pressure_lt    ? 
_diffrn.ambient_temp_gt        ? 
_diffrn.ambient_temp_lt        ? 
# 
_diffrn_detector.details                      ? 
_diffrn_detector.detector                     PIXEL 
_diffrn_detector.diffrn_id                    1 
_diffrn_detector.type                         'DECTRIS PILATUS 200K' 
_diffrn_detector.area_resol_mean              ? 
_diffrn_detector.dtime                        ? 
_diffrn_detector.pdbx_frames_total            ? 
_diffrn_detector.pdbx_collection_time_total   ? 
_diffrn_detector.pdbx_collection_date         2016-12-22 
# 
_diffrn_radiation.collimation                      ? 
_diffrn_radiation.diffrn_id                        1 
_diffrn_radiation.filter_edge                      ? 
_diffrn_radiation.inhomogeneity                    ? 
_diffrn_radiation.monochromator                    ? 
_diffrn_radiation.polarisn_norm                    ? 
_diffrn_radiation.polarisn_ratio                   ? 
_diffrn_radiation.probe                            ? 
_diffrn_radiation.type                             ? 
_diffrn_radiation.xray_symbol                      ? 
_diffrn_radiation.wavelength_id                    1 
_diffrn_radiation.pdbx_monochromatic_or_laue_m_l   M 
_diffrn_radiation.pdbx_wavelength_list             ? 
_diffrn_radiation.pdbx_wavelength                  ? 
_diffrn_radiation.pdbx_diffrn_protocol             'SINGLE WAVELENGTH' 
_diffrn_radiation.pdbx_analyzer                    ? 
_diffrn_radiation.pdbx_scattering_type             x-ray 
# 
_diffrn_radiation_wavelength.id           1 
_diffrn_radiation_wavelength.wavelength   1.54 
_diffrn_radiation_wavelength.wt           1.0 
# 
_diffrn_source.current                     ? 
_diffrn_source.details                     ? 
_diffrn_source.diffrn_id                   1 
_diffrn_source.power                       ? 
_diffrn_source.size                        ? 
_diffrn_source.source                      'ROTATING ANODE' 
_diffrn_source.target                      ? 
_diffrn_source.type                        'RIGAKU MICROMAX-003' 
_diffrn_source.voltage                     ? 
_diffrn_source.take-off_angle              ? 
_diffrn_source.pdbx_wavelength_list        1.54 
_diffrn_source.pdbx_wavelength             ? 
_diffrn_source.pdbx_synchrotron_beamline   ? 
_diffrn_source.pdbx_synchrotron_site       ? 
# 
_reflns.B_iso_Wilson_estimate            ? 
_reflns.entry_id                         5VBJ 
_reflns.data_reduction_details           ? 
_reflns.data_reduction_method            ? 
_reflns.d_resolution_high                1.94 
_reflns.d_resolution_low                 50 
_reflns.details                          ? 
_reflns.limit_h_max                      ? 
_reflns.limit_h_min                      ? 
_reflns.limit_k_max                      ? 
_reflns.limit_k_min                      ? 
_reflns.limit_l_max                      ? 
_reflns.limit_l_min                      ? 
_reflns.number_all                       ? 
_reflns.number_obs                       3562 
_reflns.observed_criterion               ? 
_reflns.observed_criterion_F_max         ? 
_reflns.observed_criterion_F_min         ? 
_reflns.observed_criterion_I_max         ? 
_reflns.observed_criterion_I_min         ? 
_reflns.observed_criterion_sigma_F       ? 
_reflns.observed_criterion_sigma_I       ? 
_reflns.percent_possible_obs             85.93 
_reflns.R_free_details                   ? 
_reflns.Rmerge_F_all                     ? 
_reflns.Rmerge_F_obs                     ? 
_reflns.Friedel_coverage                 ? 
_reflns.number_gt                        ? 
_reflns.threshold_expression             ? 
_reflns.pdbx_redundancy                  3.2 
_reflns.pdbx_Rmerge_I_obs                0.088 
_reflns.pdbx_Rmerge_I_all                ? 
_reflns.pdbx_Rsym_value                  ? 
_reflns.pdbx_netI_over_av_sigmaI         ? 
_reflns.pdbx_netI_over_sigmaI            12.4 
_reflns.pdbx_res_netI_over_av_sigmaI_2   ? 
_reflns.pdbx_res_netI_over_sigmaI_2      ? 
_reflns.pdbx_chi_squared                 ? 
_reflns.pdbx_scaling_rejects             ? 
_reflns.pdbx_d_res_high_opt              ? 
_reflns.pdbx_d_res_low_opt               ? 
_reflns.pdbx_d_res_opt_method            ? 
_reflns.phase_calculation_details        ? 
_reflns.pdbx_Rrim_I_all                  ? 
_reflns.pdbx_Rpim_I_all                  ? 
_reflns.pdbx_d_opt                       ? 
_reflns.pdbx_number_measured_all         ? 
_reflns.pdbx_diffrn_id                   1 
_reflns.pdbx_ordinal                     1 
_reflns.pdbx_CC_half                     ? 
_reflns.pdbx_R_split                     ? 
# 
_reflns_shell.d_res_high                  . 
_reflns_shell.d_res_low                   ? 
_reflns_shell.meanI_over_sigI_all         ? 
_reflns_shell.meanI_over_sigI_obs         ? 
_reflns_shell.number_measured_all         ? 
_reflns_shell.number_measured_obs         ? 
_reflns_shell.number_possible             ? 
_reflns_shell.number_unique_all           ? 
_reflns_shell.number_unique_obs           ? 
_reflns_shell.percent_possible_all        ? 
_reflns_shell.percent_possible_obs        ? 
_reflns_shell.Rmerge_F_all                ? 
_reflns_shell.Rmerge_F_obs                ? 
_reflns_shell.Rmerge_I_all                ? 
_reflns_shell.Rmerge_I_obs                ? 
_reflns_shell.meanI_over_sigI_gt          ? 
_reflns_shell.meanI_over_uI_all           ? 
_reflns_shell.meanI_over_uI_gt            ? 
_reflns_shell.number_measured_gt          ? 
_reflns_shell.number_unique_gt            ? 
_reflns_shell.percent_possible_gt         ? 
_reflns_shell.Rmerge_F_gt                 ? 
_reflns_shell.Rmerge_I_gt                 ? 
_reflns_shell.pdbx_redundancy             ? 
_reflns_shell.pdbx_Rsym_value             ? 
_reflns_shell.pdbx_chi_squared            ? 
_reflns_shell.pdbx_netI_over_sigmaI_all   ? 
_reflns_shell.pdbx_netI_over_sigmaI_obs   ? 
_reflns_shell.pdbx_Rrim_I_all             ? 
_reflns_shell.pdbx_Rpim_I_all             ? 
_reflns_shell.pdbx_rejects                ? 
_reflns_shell.pdbx_ordinal                1 
_reflns_shell.pdbx_diffrn_id              1 
_reflns_shell.pdbx_CC_half                ? 
_reflns_shell.pdbx_R_split                ? 
# 
_refine.aniso_B[1][1]                            ? 
_refine.aniso_B[1][2]                            ? 
_refine.aniso_B[1][3]                            ? 
_refine.aniso_B[2][2]                            ? 
_refine.aniso_B[2][3]                            ? 
_refine.aniso_B[3][3]                            ? 
_refine.B_iso_max                                ? 
_refine.B_iso_mean                               ? 
_refine.B_iso_min                                ? 
_refine.correlation_coeff_Fo_to_Fc               ? 
_refine.correlation_coeff_Fo_to_Fc_free          ? 
_refine.details                                  ? 
_refine.diff_density_max                         ? 
_refine.diff_density_max_esd                     ? 
_refine.diff_density_min                         ? 
_refine.diff_density_min_esd                     ? 
_refine.diff_density_rms                         ? 
_refine.diff_density_rms_esd                     ? 
_refine.entry_id                                 5VBJ 
_refine.pdbx_refine_id                           'X-RAY DIFFRACTION' 
_refine.ls_abs_structure_details                 ? 
_refine.ls_abs_structure_Flack                   ? 
_refine.ls_abs_structure_Flack_esd               ? 
_refine.ls_abs_structure_Rogers                  ? 
_refine.ls_abs_structure_Rogers_esd              ? 
_refine.ls_d_res_high                            1.944 
_refine.ls_d_res_low                             34.982 
_refine.ls_extinction_coef                       ? 
_refine.ls_extinction_coef_esd                   ? 
_refine.ls_extinction_expression                 ? 
_refine.ls_extinction_method                     ? 
_refine.ls_goodness_of_fit_all                   ? 
_refine.ls_goodness_of_fit_all_esd               ? 
_refine.ls_goodness_of_fit_obs                   ? 
_refine.ls_goodness_of_fit_obs_esd               ? 
_refine.ls_hydrogen_treatment                    ? 
_refine.ls_matrix_type                           ? 
_refine.ls_number_constraints                    ? 
_refine.ls_number_parameters                     ? 
_refine.ls_number_reflns_all                     ? 
_refine.ls_number_reflns_obs                     5686 
_refine.ls_number_reflns_R_free                  563 
_refine.ls_number_reflns_R_work                  ? 
_refine.ls_number_restraints                     ? 
_refine.ls_percent_reflns_obs                    74.07 
_refine.ls_percent_reflns_R_free                 9.90 
_refine.ls_R_factor_all                          ? 
_refine.ls_R_factor_obs                          0.2240 
_refine.ls_R_factor_R_free                       0.2762 
_refine.ls_R_factor_R_free_error                 ? 
_refine.ls_R_factor_R_free_error_details         ? 
_refine.ls_R_factor_R_work                       0.2184 
_refine.ls_R_Fsqd_factor_obs                     ? 
_refine.ls_R_I_factor_obs                        ? 
_refine.ls_redundancy_reflns_all                 ? 
_refine.ls_redundancy_reflns_obs                 ? 
_refine.ls_restrained_S_all                      ? 
_refine.ls_restrained_S_obs                      ? 
_refine.ls_shift_over_esd_max                    ? 
_refine.ls_shift_over_esd_mean                   ? 
_refine.ls_structure_factor_coef                 ? 
_refine.ls_weighting_details                     ? 
_refine.ls_weighting_scheme                      ? 
_refine.ls_wR_factor_all                         ? 
_refine.ls_wR_factor_obs                         ? 
_refine.ls_wR_factor_R_free                      ? 
_refine.ls_wR_factor_R_work                      ? 
_refine.occupancy_max                            ? 
_refine.occupancy_min                            ? 
_refine.solvent_model_details                    'FLAT BULK SOLVENT MODEL' 
_refine.solvent_model_param_bsol                 ? 
_refine.solvent_model_param_ksol                 ? 
_refine.ls_R_factor_gt                           ? 
_refine.ls_goodness_of_fit_gt                    ? 
_refine.ls_goodness_of_fit_ref                   ? 
_refine.ls_shift_over_su_max                     ? 
_refine.ls_shift_over_su_max_lt                  ? 
_refine.ls_shift_over_su_mean                    ? 
_refine.ls_shift_over_su_mean_lt                 ? 
_refine.pdbx_ls_sigma_I                          ? 
_refine.pdbx_ls_sigma_F                          1.33 
_refine.pdbx_ls_sigma_Fsqd                       ? 
_refine.pdbx_data_cutoff_high_absF               ? 
_refine.pdbx_data_cutoff_high_rms_absF           ? 
_refine.pdbx_data_cutoff_low_absF                ? 
_refine.pdbx_isotropic_thermal_model             ? 
_refine.pdbx_ls_cross_valid_method               'FREE R-VALUE' 
_refine.pdbx_method_to_determine_struct          'MOLECULAR REPLACEMENT' 
_refine.pdbx_starting_model                      ? 
_refine.pdbx_stereochemistry_target_values       ML 
_refine.pdbx_R_Free_selection_details            ? 
_refine.pdbx_stereochem_target_val_spec_case     ? 
_refine.pdbx_overall_ESU_R                       ? 
_refine.pdbx_overall_ESU_R_Free                  ? 
_refine.pdbx_solvent_vdw_probe_radii             1.11 
_refine.pdbx_solvent_ion_probe_radii             ? 
_refine.pdbx_solvent_shrinkage_radii             0.90 
_refine.pdbx_real_space_R                        ? 
_refine.pdbx_density_correlation                 ? 
_refine.pdbx_pd_number_of_powder_patterns        ? 
_refine.pdbx_pd_number_of_points                 ? 
_refine.pdbx_pd_meas_number_of_points            ? 
_refine.pdbx_pd_proc_ls_prof_R_factor            ? 
_refine.pdbx_pd_proc_ls_prof_wR_factor           ? 
_refine.pdbx_pd_Marquardt_correlation_coeff      ? 
_refine.pdbx_pd_Fsqrd_R_factor                   ? 
_refine.pdbx_pd_ls_matrix_band_width             ? 
_refine.pdbx_overall_phase_error                 40.42 
_refine.pdbx_overall_SU_R_free_Cruickshank_DPI   ? 
_refine.pdbx_overall_SU_R_free_Blow_DPI          ? 
_refine.pdbx_overall_SU_R_Blow_DPI               ? 
_refine.pdbx_TLS_residual_ADP_flag               ? 
_refine.pdbx_diffrn_id                           1 
_refine.overall_SU_B                             ? 
_refine.overall_SU_ML                            0.39 
_refine.overall_SU_R_Cruickshank_DPI             ? 
_refine.overall_SU_R_free                        ? 
_refine.overall_FOM_free_R_set                   ? 
_refine.overall_FOM_work_R_set                   ? 
_refine.pdbx_average_fsc_overall                 ? 
_refine.pdbx_average_fsc_work                    ? 
_refine.pdbx_average_fsc_free                    ? 
# 
_refine_hist.pdbx_refine_id                   'X-RAY DIFFRACTION' 
_refine_hist.cycle_id                         LAST 
_refine_hist.pdbx_number_atoms_protein        0 
_refine_hist.pdbx_number_atoms_nucleic_acid   404 
_refine_hist.pdbx_number_atoms_ligand         1 
_refine_hist.number_atoms_solvent             28 
_refine_hist.number_atoms_total               433 
_refine_hist.d_res_high                       1.944 
_refine_hist.d_res_low                        34.982 
# 
loop_
_refine_ls_restr.pdbx_refine_id 
_refine_ls_restr.criterion 
_refine_ls_restr.dev_ideal 
_refine_ls_restr.dev_ideal_target 
_refine_ls_restr.number 
_refine_ls_restr.rejects 
_refine_ls_restr.type 
_refine_ls_restr.weight 
_refine_ls_restr.pdbx_restraint_function 
'X-RAY DIFFRACTION' ? 0.009  ? 484 ? f_bond_d           ? ? 
'X-RAY DIFFRACTION' ? 1.197  ? 735 ? f_angle_d          ? ? 
'X-RAY DIFFRACTION' ? 37.852 ? 174 ? f_dihedral_angle_d ? ? 
'X-RAY DIFFRACTION' ? 0.053  ? 80  ? f_chiral_restr     ? ? 
'X-RAY DIFFRACTION' ? 0.007  ? 22  ? f_plane_restr      ? ? 
# 
loop_
_refine_ls_shell.pdbx_refine_id 
_refine_ls_shell.d_res_high 
_refine_ls_shell.d_res_low 
_refine_ls_shell.number_reflns_all 
_refine_ls_shell.number_reflns_obs 
_refine_ls_shell.number_reflns_R_free 
_refine_ls_shell.number_reflns_R_work 
_refine_ls_shell.percent_reflns_obs 
_refine_ls_shell.percent_reflns_R_free 
_refine_ls_shell.R_factor_all 
_refine_ls_shell.R_factor_obs 
_refine_ls_shell.R_factor_R_free 
_refine_ls_shell.R_factor_R_free_error 
_refine_ls_shell.R_factor_R_work 
_refine_ls_shell.redundancy_reflns_all 
_refine_ls_shell.redundancy_reflns_obs 
_refine_ls_shell.wR_factor_all 
_refine_ls_shell.wR_factor_obs 
_refine_ls_shell.wR_factor_R_free 
_refine_ls_shell.wR_factor_R_work 
_refine_ls_shell.pdbx_total_number_of_bins_used 
_refine_ls_shell.pdbx_phase_error 
_refine_ls_shell.pdbx_fsc_work 
_refine_ls_shell.pdbx_fsc_free 
'X-RAY DIFFRACTION' 1.9443 2.1400  . . 71  697  40.00 . . . 0.4219 . 0.4177 . . . . . . . . . . 
'X-RAY DIFFRACTION' 2.1400 2.4496  . . 139 1220 72.00 . . . 0.4142 . 0.3542 . . . . . . . . . . 
'X-RAY DIFFRACTION' 2.4496 3.0859  . . 171 1534 89.00 . . . 0.3227 . 0.3004 . . . . . . . . . . 
'X-RAY DIFFRACTION' 3.0859 34.9879 . . 182 1672 97.00 . . . 0.2197 . 0.1553 . . . . . . . . . . 
# 
_struct.entry_id                     5VBJ 
_struct.title                        'Sulfur as a bromine biomolecular halogen-bond acceptor' 
_struct.pdbx_model_details           ? 
_struct.pdbx_formula_weight          ? 
_struct.pdbx_formula_weight_method   ? 
_struct.pdbx_model_type_details      ? 
_struct.pdbx_CASP_flag               N 
# 
_struct_keywords.entry_id        5VBJ 
_struct_keywords.text            
'Biophysics, Bromine, DNA, Sulfur, Halogen Bonding, Models, Molecular, Molecular Conformation, Uracil' 
_struct_keywords.pdbx_keywords   DNA 
# 
loop_
_struct_asym.id 
_struct_asym.pdbx_blank_PDB_chainid_flag 
_struct_asym.pdbx_modified 
_struct_asym.entity_id 
_struct_asym.details 
A N N 1 ? 
B N N 1 ? 
C N N 2 ? 
D N N 3 ? 
E N N 3 ? 
# 
_struct_ref.id                         1 
_struct_ref.db_name                    PDB 
_struct_ref.db_code                    5VBJ 
_struct_ref.pdbx_db_accession          5VBJ 
_struct_ref.pdbx_db_isoform            ? 
_struct_ref.entity_id                  1 
_struct_ref.pdbx_seq_one_letter_code   ? 
_struct_ref.pdbx_align_begin           1 
# 
loop_
_struct_ref_seq.align_id 
_struct_ref_seq.ref_id 
_struct_ref_seq.pdbx_PDB_id_code 
_struct_ref_seq.pdbx_strand_id 
_struct_ref_seq.seq_align_beg 
_struct_ref_seq.pdbx_seq_align_beg_ins_code 
_struct_ref_seq.seq_align_end 
_struct_ref_seq.pdbx_seq_align_end_ins_code 
_struct_ref_seq.pdbx_db_accession 
_struct_ref_seq.db_align_beg 
_struct_ref_seq.pdbx_db_align_beg_ins_code 
_struct_ref_seq.db_align_end 
_struct_ref_seq.pdbx_db_align_end_ins_code 
_struct_ref_seq.pdbx_auth_seq_align_beg 
_struct_ref_seq.pdbx_auth_seq_align_end 
1 1 5VBJ A 1 ? 10 ? 5VBJ 1  ? 10 ? 1  10 
2 1 5VBJ B 1 ? 10 ? 5VBJ 11 ? 20 ? 11 20 
# 
_pdbx_struct_assembly.id                   1 
_pdbx_struct_assembly.details              author_and_software_defined_assembly 
_pdbx_struct_assembly.method_details       PISA 
_pdbx_struct_assembly.oligomeric_details   tetrameric 
_pdbx_struct_assembly.oligomeric_count     4 
# 
loop_
_pdbx_struct_assembly_prop.biol_id 
_pdbx_struct_assembly_prop.type 
_pdbx_struct_assembly_prop.value 
_pdbx_struct_assembly_prop.details 
1 'ABSA (A^2)' 6580 ? 
1 MORE         1    ? 
1 'SSA (A^2)'  5880 ? 
# 
_pdbx_struct_assembly_gen.assembly_id       1 
_pdbx_struct_assembly_gen.oper_expression   1,2 
_pdbx_struct_assembly_gen.asym_id_list      A,B,C,D,E 
# 
_pdbx_struct_assembly_auth_evidence.id                     1 
_pdbx_struct_assembly_auth_evidence.assembly_id            1 
_pdbx_struct_assembly_auth_evidence.experimental_support   none 
_pdbx_struct_assembly_auth_evidence.details                ? 
# 
loop_
_pdbx_struct_oper_list.id 
_pdbx_struct_oper_list.type 
_pdbx_struct_oper_list.name 
_pdbx_struct_oper_list.symmetry_operation 
_pdbx_struct_oper_list.matrix[1][1] 
_pdbx_struct_oper_list.matrix[1][2] 
_pdbx_struct_oper_list.matrix[1][3] 
_pdbx_struct_oper_list.vector[1] 
_pdbx_struct_oper_list.matrix[2][1] 
_pdbx_struct_oper_list.matrix[2][2] 
_pdbx_struct_oper_list.matrix[2][3] 
_pdbx_struct_oper_list.vector[2] 
_pdbx_struct_oper_list.matrix[3][1] 
_pdbx_struct_oper_list.matrix[3][2] 
_pdbx_struct_oper_list.matrix[3][3] 
_pdbx_struct_oper_list.vector[3] 
1 'identity operation'         1_555 x,y,z     1.0000000000  0.0000000000 0.0000000000  0.0000000000   0.0000000000 1.0000000000  0.0000000000  0.0000000000 0.0000000000  0.0000000000  1.0000000000 0.0000000000  
2 'crystal symmetry operation' 2_556 -x,y,-z+1 -0.2639644224 0.1861316487 -0.9464025534 -11.0909256305 0.1861316487 -0.9529302771 -0.2393300989 1.9597829248 -0.9464025534 -0.2393300989 0.2168946996 -8.2401914463 
# 
loop_
_struct_conn.id 
_struct_conn.conn_type_id 
_struct_conn.pdbx_leaving_atom_flag 
_struct_conn.pdbx_PDB_id 
_struct_conn.ptnr1_label_asym_id 
_struct_conn.ptnr1_label_comp_id 
_struct_conn.ptnr1_label_seq_id 
_struct_conn.ptnr1_label_atom_id 
_struct_conn.pdbx_ptnr1_label_alt_id 
_struct_conn.pdbx_ptnr1_PDB_ins_code 
_struct_conn.pdbx_ptnr1_standard_comp_id 
_struct_conn.ptnr1_symmetry 
_struct_conn.ptnr2_label_asym_id 
_struct_conn.ptnr2_label_comp_id 
_struct_conn.ptnr2_label_seq_id 
_struct_conn.ptnr2_label_atom_id 
_struct_conn.pdbx_ptnr2_label_alt_id 
_struct_conn.pdbx_ptnr2_PDB_ins_code 
_struct_conn.ptnr1_auth_asym_id 
_struct_conn.ptnr1_auth_comp_id 
_struct_conn.ptnr1_auth_seq_id 
_struct_conn.ptnr2_auth_asym_id 
_struct_conn.ptnr2_auth_comp_id 
_struct_conn.ptnr2_auth_seq_id 
_struct_conn.ptnr2_symmetry 
_struct_conn.pdbx_ptnr3_label_atom_id 
_struct_conn.pdbx_ptnr3_label_seq_id 
_struct_conn.pdbx_ptnr3_label_comp_id 
_struct_conn.pdbx_ptnr3_label_asym_id 
_struct_conn.pdbx_ptnr3_label_alt_id 
_struct_conn.pdbx_ptnr3_PDB_ins_code 
_struct_conn.details 
_struct_conn.pdbx_dist_value 
_struct_conn.pdbx_value_order 
_struct_conn.pdbx_role 
covale1  covale both ? A DT  5 "O3'" A ? ? 1_555 A AS  6  P  A ? A DT  5   A AS  6   1_555 ? ? ? ? ? ? ?            1.603 ? ? 
covale2  covale both ? A DT  5 "O3'" B ? ? 1_555 A AS  6  P  B ? A DT  5   A AS  6   1_555 ? ? ? ? ? ? ?            1.608 ? ? 
covale3  covale both ? A AS  6 "O3'" A ? ? 1_555 A BRU 7  P  ? ? A AS  6   A BRU 7   1_555 ? ? ? ? ? ? ?            1.559 ? ? 
covale4  covale both ? A AS  6 "O3'" B ? ? 1_555 A BRU 7  P  ? ? A AS  6   A BRU 7   1_555 ? ? ? ? ? ? ?            1.559 ? ? 
covale5  covale both ? A BRU 7 "O3'" ? ? ? 1_555 A DC  8  P  ? ? A BRU 7   A DC  8   1_555 ? ? ? ? ? ? ?            1.604 ? ? 
covale6  covale both ? B DT  5 "O3'" ? ? ? 1_555 B AS  6  P  ? ? B DT  15  B AS  16  1_555 ? ? ? ? ? ? ?            1.587 ? ? 
covale7  covale both ? B AS  6 "O3'" ? ? ? 1_555 B BRU 7  P  ? ? B AS  16  B BRU 17  1_555 ? ? ? ? ? ? ?            1.558 ? ? 
covale8  covale both ? B BRU 7 "O3'" ? ? ? 1_555 B DC  8  P  ? ? B BRU 17  B DC  18  1_555 ? ? ? ? ? ? ?            1.604 ? ? 
metalc1  metalc ?    ? D HOH . O     ? ? ? 2_556 C CA  .  CA ? ? A HOH 105 B CA  101 1_555 ? ? ? ? ? ? ?            2.625 ? ? 
metalc2  metalc ?    ? D HOH . O     ? ? ? 2_556 C CA  .  CA ? ? A HOH 111 B CA  101 1_555 ? ? ? ? ? ? ?            2.636 ? ? 
metalc3  metalc ?    ? C CA  . CA    ? ? ? 1_555 E HOH .  O  ? ? B CA  101 B HOH 202 1_555 ? ? ? ? ? ? ?            2.614 ? ? 
metalc4  metalc ?    ? C CA  . CA    ? ? ? 1_555 E HOH .  O  ? ? B CA  101 B HOH 206 1_555 ? ? ? ? ? ? ?            2.608 ? ? 
hydrog1  hydrog ?    ? A DC  1 N3    ? ? ? 1_555 B DG  10 N1 ? ? A DC  1   B DG  20  1_555 ? ? ? ? ? ? WATSON-CRICK ?     ? ? 
hydrog2  hydrog ?    ? A DC  1 N4    ? ? ? 1_555 B DG  10 O6 ? ? A DC  1   B DG  20  1_555 ? ? ? ? ? ? WATSON-CRICK ?     ? ? 
hydrog3  hydrog ?    ? A DC  1 O2    ? ? ? 1_555 B DG  10 N2 ? ? A DC  1   B DG  20  1_555 ? ? ? ? ? ? WATSON-CRICK ?     ? ? 
hydrog4  hydrog ?    ? A DC  2 N3    ? ? ? 1_555 B DG  9  N1 ? ? A DC  2   B DG  19  1_555 ? ? ? ? ? ? WATSON-CRICK ?     ? ? 
hydrog5  hydrog ?    ? A DC  2 N4    ? ? ? 1_555 B DG  9  O6 ? ? A DC  2   B DG  19  1_555 ? ? ? ? ? ? WATSON-CRICK ?     ? ? 
hydrog6  hydrog ?    ? A DC  2 O2    ? ? ? 1_555 B DG  9  N2 ? ? A DC  2   B DG  19  1_555 ? ? ? ? ? ? WATSON-CRICK ?     ? ? 
hydrog7  hydrog ?    ? A DG  3 N1    ? ? ? 1_555 B DC  8  N3 ? ? A DG  3   B DC  18  1_555 ? ? ? ? ? ? WATSON-CRICK ?     ? ? 
hydrog8  hydrog ?    ? A DG  3 N2    ? ? ? 1_555 B DC  8  O2 ? ? A DG  3   B DC  18  1_555 ? ? ? ? ? ? WATSON-CRICK ?     ? ? 
hydrog9  hydrog ?    ? A DG  3 O6    ? ? ? 1_555 B DC  8  N4 ? ? A DG  3   B DC  18  1_555 ? ? ? ? ? ? WATSON-CRICK ?     ? ? 
hydrog10 hydrog ?    ? A DA  4 N1    ? ? ? 1_555 B BRU 7  N3 ? ? A DA  4   B BRU 17  1_555 ? ? ? ? ? ? WATSON-CRICK ?     ? ? 
hydrog11 hydrog ?    ? A DA  4 N6    ? ? ? 1_555 B BRU 7  O4 ? ? A DA  4   B BRU 17  1_555 ? ? ? ? ? ? WATSON-CRICK ?     ? ? 
hydrog12 hydrog ?    ? A DT  5 N3    A ? ? 1_555 B AS  6  N1 ? ? A DT  5   B AS  16  1_555 ? ? ? ? ? ? WATSON-CRICK ?     ? ? 
hydrog13 hydrog ?    ? A DT  5 N3    B ? ? 1_555 B AS  6  N1 ? ? A DT  5   B AS  16  1_555 ? ? ? ? ? ? WATSON-CRICK ?     ? ? 
hydrog14 hydrog ?    ? A DT  5 O4    A ? ? 1_555 B AS  6  N6 ? ? A DT  5   B AS  16  1_555 ? ? ? ? ? ? WATSON-CRICK ?     ? ? 
hydrog15 hydrog ?    ? A DT  5 O4    B ? ? 1_555 B AS  6  N6 ? ? A DT  5   B AS  16  1_555 ? ? ? ? ? ? WATSON-CRICK ?     ? ? 
hydrog16 hydrog ?    ? A AS  6 N1    ? ? ? 1_555 B DT  5  N3 ? ? A AS  6   B DT  15  1_555 ? ? ? ? ? ? WATSON-CRICK ?     ? ? 
hydrog17 hydrog ?    ? A AS  6 N6    ? ? ? 1_555 B DT  5  O4 ? ? A AS  6   B DT  15  1_555 ? ? ? ? ? ? WATSON-CRICK ?     ? ? 
# 
loop_
_struct_conn_type.id 
_struct_conn_type.criteria 
_struct_conn_type.reference 
covale ? ? 
metalc ? ? 
hydrog ? ? 
# 
loop_
_pdbx_struct_conn_angle.id 
_pdbx_struct_conn_angle.ptnr1_label_atom_id 
_pdbx_struct_conn_angle.ptnr1_label_alt_id 
_pdbx_struct_conn_angle.ptnr1_label_asym_id 
_pdbx_struct_conn_angle.ptnr1_label_comp_id 
_pdbx_struct_conn_angle.ptnr1_label_seq_id 
_pdbx_struct_conn_angle.ptnr1_auth_atom_id 
_pdbx_struct_conn_angle.ptnr1_auth_asym_id 
_pdbx_struct_conn_angle.ptnr1_auth_comp_id 
_pdbx_struct_conn_angle.ptnr1_auth_seq_id 
_pdbx_struct_conn_angle.ptnr1_PDB_ins_code 
_pdbx_struct_conn_angle.ptnr1_symmetry 
_pdbx_struct_conn_angle.ptnr2_label_atom_id 
_pdbx_struct_conn_angle.ptnr2_label_alt_id 
_pdbx_struct_conn_angle.ptnr2_label_asym_id 
_pdbx_struct_conn_angle.ptnr2_label_comp_id 
_pdbx_struct_conn_angle.ptnr2_label_seq_id 
_pdbx_struct_conn_angle.ptnr2_auth_atom_id 
_pdbx_struct_conn_angle.ptnr2_auth_asym_id 
_pdbx_struct_conn_angle.ptnr2_auth_comp_id 
_pdbx_struct_conn_angle.ptnr2_auth_seq_id 
_pdbx_struct_conn_angle.ptnr2_PDB_ins_code 
_pdbx_struct_conn_angle.ptnr2_symmetry 
_pdbx_struct_conn_angle.ptnr3_label_atom_id 
_pdbx_struct_conn_angle.ptnr3_label_alt_id 
_pdbx_struct_conn_angle.ptnr3_label_asym_id 
_pdbx_struct_conn_angle.ptnr3_label_comp_id 
_pdbx_struct_conn_angle.ptnr3_label_seq_id 
_pdbx_struct_conn_angle.ptnr3_auth_atom_id 
_pdbx_struct_conn_angle.ptnr3_auth_asym_id 
_pdbx_struct_conn_angle.ptnr3_auth_comp_id 
_pdbx_struct_conn_angle.ptnr3_auth_seq_id 
_pdbx_struct_conn_angle.ptnr3_PDB_ins_code 
_pdbx_struct_conn_angle.ptnr3_symmetry 
_pdbx_struct_conn_angle.value 
_pdbx_struct_conn_angle.value_esd 
1 O ? D HOH . ? A HOH 105 ? 2_556 CA ? C CA . ? B CA 101 ? 1_555 O ? D HOH . ? A HOH 111 ? 2_556 62.4  ? 
2 O ? D HOH . ? A HOH 105 ? 2_556 CA ? C CA . ? B CA 101 ? 1_555 O ? E HOH . ? B HOH 202 ? 1_555 81.9  ? 
3 O ? D HOH . ? A HOH 111 ? 2_556 CA ? C CA . ? B CA 101 ? 1_555 O ? E HOH . ? B HOH 202 ? 1_555 101.1 ? 
4 O ? D HOH . ? A HOH 105 ? 2_556 CA ? C CA . ? B CA 101 ? 1_555 O ? E HOH . ? B HOH 206 ? 1_555 112.8 ? 
5 O ? D HOH . ? A HOH 111 ? 2_556 CA ? C CA . ? B CA 101 ? 1_555 O ? E HOH . ? B HOH 206 ? 1_555 67.7  ? 
6 O ? E HOH . ? B HOH 202 ? 1_555 CA ? C CA . ? B CA 101 ? 1_555 O ? E HOH . ? B HOH 206 ? 1_555 66.5  ? 
# 
_struct_site.id                   AC1 
_struct_site.pdbx_evidence_code   Software 
_struct_site.pdbx_auth_asym_id    B 
_struct_site.pdbx_auth_comp_id    CA 
_struct_site.pdbx_auth_seq_id     101 
_struct_site.pdbx_auth_ins_code   ? 
_struct_site.pdbx_num_residues    4 
_struct_site.details              'binding site for residue CA B 101' 
# 
loop_
_struct_site_gen.id 
_struct_site_gen.site_id 
_struct_site_gen.pdbx_num_res 
_struct_site_gen.label_comp_id 
_struct_site_gen.label_asym_id 
_struct_site_gen.label_seq_id 
_struct_site_gen.pdbx_auth_ins_code 
_struct_site_gen.auth_comp_id 
_struct_site_gen.auth_asym_id 
_struct_site_gen.auth_seq_id 
_struct_site_gen.label_atom_id 
_struct_site_gen.label_alt_id 
_struct_site_gen.symmetry 
_struct_site_gen.details 
1 AC1 4 HOH D . ? HOH A 105 . ? 2_556 ? 
2 AC1 4 HOH D . ? HOH A 111 . ? 2_556 ? 
3 AC1 4 HOH E . ? HOH B 202 . ? 1_555 ? 
4 AC1 4 HOH E . ? HOH B 206 . ? 1_555 ? 
# 
_pdbx_validate_rmsd_bond.id                        1 
_pdbx_validate_rmsd_bond.PDB_model_num             1 
_pdbx_validate_rmsd_bond.auth_atom_id_1            "O3'" 
_pdbx_validate_rmsd_bond.auth_asym_id_1            B 
_pdbx_validate_rmsd_bond.auth_comp_id_1            DG 
_pdbx_validate_rmsd_bond.auth_seq_id_1             13 
_pdbx_validate_rmsd_bond.PDB_ins_code_1            ? 
_pdbx_validate_rmsd_bond.label_alt_id_1            ? 
_pdbx_validate_rmsd_bond.auth_atom_id_2            "C3'" 
_pdbx_validate_rmsd_bond.auth_asym_id_2            B 
_pdbx_validate_rmsd_bond.auth_comp_id_2            DG 
_pdbx_validate_rmsd_bond.auth_seq_id_2             13 
_pdbx_validate_rmsd_bond.PDB_ins_code_2            ? 
_pdbx_validate_rmsd_bond.label_alt_id_2            ? 
_pdbx_validate_rmsd_bond.bond_value                1.368 
_pdbx_validate_rmsd_bond.bond_target_value         1.419 
_pdbx_validate_rmsd_bond.bond_deviation            -0.051 
_pdbx_validate_rmsd_bond.bond_standard_deviation   0.006 
_pdbx_validate_rmsd_bond.linker_flag               N 
# 
loop_
_pdbx_validate_rmsd_angle.id 
_pdbx_validate_rmsd_angle.PDB_model_num 
_pdbx_validate_rmsd_angle.auth_atom_id_1 
_pdbx_validate_rmsd_angle.auth_asym_id_1 
_pdbx_validate_rmsd_angle.auth_comp_id_1 
_pdbx_validate_rmsd_angle.auth_seq_id_1 
_pdbx_validate_rmsd_angle.PDB_ins_code_1 
_pdbx_validate_rmsd_angle.label_alt_id_1 
_pdbx_validate_rmsd_angle.auth_atom_id_2 
_pdbx_validate_rmsd_angle.auth_asym_id_2 
_pdbx_validate_rmsd_angle.auth_comp_id_2 
_pdbx_validate_rmsd_angle.auth_seq_id_2 
_pdbx_validate_rmsd_angle.PDB_ins_code_2 
_pdbx_validate_rmsd_angle.label_alt_id_2 
_pdbx_validate_rmsd_angle.auth_atom_id_3 
_pdbx_validate_rmsd_angle.auth_asym_id_3 
_pdbx_validate_rmsd_angle.auth_comp_id_3 
_pdbx_validate_rmsd_angle.auth_seq_id_3 
_pdbx_validate_rmsd_angle.PDB_ins_code_3 
_pdbx_validate_rmsd_angle.label_alt_id_3 
_pdbx_validate_rmsd_angle.angle_value 
_pdbx_validate_rmsd_angle.angle_target_value 
_pdbx_validate_rmsd_angle.angle_deviation 
_pdbx_validate_rmsd_angle.angle_standard_deviation 
_pdbx_validate_rmsd_angle.linker_flag 
1 1 "O4'" A DT 5  ? B "C1'" A DT  5  ? B N1    A DT  5  ? B 110.18 108.30 1.88   0.30 N 
2 1 "C3'" A AS 6  ? A "O3'" A AS  6  ? A P     A BRU 7  ? ? 126.94 119.70 7.24   1.20 Y 
3 1 "O3'" A AS 6  ? B P     A BRU 7  ? ? "O5'" A BRU 7  ? ? 117.35 104.00 13.35  1.90 Y 
4 1 "C3'" B AS 16 ? ? "O3'" B AS  16 ? ? P     B BRU 17 ? ? 101.31 119.70 -18.39 1.20 Y 
5 1 "O3'" B AS 16 ? ? P     B BRU 17 ? ? OP2   B BRU 17 ? ? 130.50 110.50 20.00  1.10 Y 
# 
loop_
_pdbx_struct_special_symmetry.id 
_pdbx_struct_special_symmetry.PDB_model_num 
_pdbx_struct_special_symmetry.auth_asym_id 
_pdbx_struct_special_symmetry.auth_comp_id 
_pdbx_struct_special_symmetry.auth_seq_id 
_pdbx_struct_special_symmetry.PDB_ins_code 
_pdbx_struct_special_symmetry.label_asym_id 
_pdbx_struct_special_symmetry.label_comp_id 
_pdbx_struct_special_symmetry.label_seq_id 
1 1 A HOH 106 ? D HOH . 
2 1 B HOH 212 ? E HOH . 
# 
loop_
_chem_comp_atom.comp_id 
_chem_comp_atom.atom_id 
_chem_comp_atom.type_symbol 
_chem_comp_atom.pdbx_aromatic_flag 
_chem_comp_atom.pdbx_stereo_config 
_chem_comp_atom.pdbx_ordinal 
AS  P      P  N N 1   
AS  OP1    O  N N 2   
AS  S2P    S  N N 3   
AS  OP3    O  N N 4   
AS  "O5'"  O  N N 5   
AS  "C5'"  C  N N 6   
AS  "C4'"  C  N R 7   
AS  "O4'"  O  N N 8   
AS  "C3'"  C  N S 9   
AS  "O3'"  O  N N 10  
AS  "C2'"  C  N N 11  
AS  "C1'"  C  N R 12  
AS  N9     N  Y N 13  
AS  C8     C  Y N 14  
AS  N7     N  Y N 15  
AS  C5     C  Y N 16  
AS  C6     C  Y N 17  
AS  N6     N  N N 18  
AS  N1     N  Y N 19  
AS  C2     C  Y N 20  
AS  N3     N  Y N 21  
AS  C4     C  Y N 22  
AS  HOP1   H  N N 23  
AS  HOP3   H  N N 24  
AS  "H5'"  H  N N 25  
AS  "H5''" H  N N 26  
AS  "H4'"  H  N N 27  
AS  "H3'"  H  N N 28  
AS  "HO3'" H  N N 29  
AS  "H2'"  H  N N 30  
AS  "H2''" H  N N 31  
AS  "H1'"  H  N N 32  
AS  H8     H  N N 33  
AS  HN61   H  N N 34  
AS  HN62   H  N N 35  
AS  H2     H  N N 36  
BRU N1     N  N N 37  
BRU C2     C  N N 38  
BRU N3     N  N N 39  
BRU C4     C  N N 40  
BRU C5     C  N N 41  
BRU C6     C  N N 42  
BRU O2     O  N N 43  
BRU O4     O  N N 44  
BRU BR     BR N N 45  
BRU "C1'"  C  N R 46  
BRU "C2'"  C  N N 47  
BRU "C3'"  C  N S 48  
BRU "C4'"  C  N R 49  
BRU "O3'"  O  N N 50  
BRU "O4'"  O  N N 51  
BRU "C5'"  C  N N 52  
BRU "O5'"  O  N N 53  
BRU P      P  N N 54  
BRU OP1    O  N N 55  
BRU OP2    O  N N 56  
BRU OP3    O  N N 57  
BRU HN3    H  N N 58  
BRU H6     H  N N 59  
BRU "H1'"  H  N N 60  
BRU "H2'"  H  N N 61  
BRU "H2''" H  N N 62  
BRU "H3'"  H  N N 63  
BRU "H4'"  H  N N 64  
BRU "HO3'" H  N N 65  
BRU "H5'"  H  N N 66  
BRU "H5''" H  N N 67  
BRU HOP2   H  N N 68  
BRU HOP3   H  N N 69  
CA  CA     CA N N 70  
DA  OP3    O  N N 71  
DA  P      P  N N 72  
DA  OP1    O  N N 73  
DA  OP2    O  N N 74  
DA  "O5'"  O  N N 75  
DA  "C5'"  C  N N 76  
DA  "C4'"  C  N R 77  
DA  "O4'"  O  N N 78  
DA  "C3'"  C  N S 79  
DA  "O3'"  O  N N 80  
DA  "C2'"  C  N N 81  
DA  "C1'"  C  N R 82  
DA  N9     N  Y N 83  
DA  C8     C  Y N 84  
DA  N7     N  Y N 85  
DA  C5     C  Y N 86  
DA  C6     C  Y N 87  
DA  N6     N  N N 88  
DA  N1     N  Y N 89  
DA  C2     C  Y N 90  
DA  N3     N  Y N 91  
DA  C4     C  Y N 92  
DA  HOP3   H  N N 93  
DA  HOP2   H  N N 94  
DA  "H5'"  H  N N 95  
DA  "H5''" H  N N 96  
DA  "H4'"  H  N N 97  
DA  "H3'"  H  N N 98  
DA  "HO3'" H  N N 99  
DA  "H2'"  H  N N 100 
DA  "H2''" H  N N 101 
DA  "H1'"  H  N N 102 
DA  H8     H  N N 103 
DA  H61    H  N N 104 
DA  H62    H  N N 105 
DA  H2     H  N N 106 
DC  OP3    O  N N 107 
DC  P      P  N N 108 
DC  OP1    O  N N 109 
DC  OP2    O  N N 110 
DC  "O5'"  O  N N 111 
DC  "C5'"  C  N N 112 
DC  "C4'"  C  N R 113 
DC  "O4'"  O  N N 114 
DC  "C3'"  C  N S 115 
DC  "O3'"  O  N N 116 
DC  "C2'"  C  N N 117 
DC  "C1'"  C  N R 118 
DC  N1     N  N N 119 
DC  C2     C  N N 120 
DC  O2     O  N N 121 
DC  N3     N  N N 122 
DC  C4     C  N N 123 
DC  N4     N  N N 124 
DC  C5     C  N N 125 
DC  C6     C  N N 126 
DC  HOP3   H  N N 127 
DC  HOP2   H  N N 128 
DC  "H5'"  H  N N 129 
DC  "H5''" H  N N 130 
DC  "H4'"  H  N N 131 
DC  "H3'"  H  N N 132 
DC  "HO3'" H  N N 133 
DC  "H2'"  H  N N 134 
DC  "H2''" H  N N 135 
DC  "H1'"  H  N N 136 
DC  H41    H  N N 137 
DC  H42    H  N N 138 
DC  H5     H  N N 139 
DC  H6     H  N N 140 
DG  OP3    O  N N 141 
DG  P      P  N N 142 
DG  OP1    O  N N 143 
DG  OP2    O  N N 144 
DG  "O5'"  O  N N 145 
DG  "C5'"  C  N N 146 
DG  "C4'"  C  N R 147 
DG  "O4'"  O  N N 148 
DG  "C3'"  C  N S 149 
DG  "O3'"  O  N N 150 
DG  "C2'"  C  N N 151 
DG  "C1'"  C  N R 152 
DG  N9     N  Y N 153 
DG  C8     C  Y N 154 
DG  N7     N  Y N 155 
DG  C5     C  Y N 156 
DG  C6     C  N N 157 
DG  O6     O  N N 158 
DG  N1     N  N N 159 
DG  C2     C  N N 160 
DG  N2     N  N N 161 
DG  N3     N  N N 162 
DG  C4     C  Y N 163 
DG  HOP3   H  N N 164 
DG  HOP2   H  N N 165 
DG  "H5'"  H  N N 166 
DG  "H5''" H  N N 167 
DG  "H4'"  H  N N 168 
DG  "H3'"  H  N N 169 
DG  "HO3'" H  N N 170 
DG  "H2'"  H  N N 171 
DG  "H2''" H  N N 172 
DG  "H1'"  H  N N 173 
DG  H8     H  N N 174 
DG  H1     H  N N 175 
DG  H21    H  N N 176 
DG  H22    H  N N 177 
DT  OP3    O  N N 178 
DT  P      P  N N 179 
DT  OP1    O  N N 180 
DT  OP2    O  N N 181 
DT  "O5'"  O  N N 182 
DT  "C5'"  C  N N 183 
DT  "C4'"  C  N R 184 
DT  "O4'"  O  N N 185 
DT  "C3'"  C  N S 186 
DT  "O3'"  O  N N 187 
DT  "C2'"  C  N N 188 
DT  "C1'"  C  N R 189 
DT  N1     N  N N 190 
DT  C2     C  N N 191 
DT  O2     O  N N 192 
DT  N3     N  N N 193 
DT  C4     C  N N 194 
DT  O4     O  N N 195 
DT  C5     C  N N 196 
DT  C7     C  N N 197 
DT  C6     C  N N 198 
DT  HOP3   H  N N 199 
DT  HOP2   H  N N 200 
DT  "H5'"  H  N N 201 
DT  "H5''" H  N N 202 
DT  "H4'"  H  N N 203 
DT  "H3'"  H  N N 204 
DT  "HO3'" H  N N 205 
DT  "H2'"  H  N N 206 
DT  "H2''" H  N N 207 
DT  "H1'"  H  N N 208 
DT  H3     H  N N 209 
DT  H71    H  N N 210 
DT  H72    H  N N 211 
DT  H73    H  N N 212 
DT  H6     H  N N 213 
HOH O      O  N N 214 
HOH H1     H  N N 215 
HOH H2     H  N N 216 
# 
loop_
_chem_comp_bond.comp_id 
_chem_comp_bond.atom_id_1 
_chem_comp_bond.atom_id_2 
_chem_comp_bond.value_order 
_chem_comp_bond.pdbx_aromatic_flag 
_chem_comp_bond.pdbx_stereo_config 
_chem_comp_bond.pdbx_ordinal 
AS  P     OP1    sing N N 1   
AS  P     S2P    doub N N 2   
AS  P     OP3    sing N N 3   
AS  P     "O5'"  sing N N 4   
AS  OP1   HOP1   sing N N 5   
AS  OP3   HOP3   sing N N 6   
AS  "O5'" "C5'"  sing N N 7   
AS  "C5'" "C4'"  sing N N 8   
AS  "C5'" "H5'"  sing N N 9   
AS  "C5'" "H5''" sing N N 10  
AS  "C4'" "O4'"  sing N N 11  
AS  "C4'" "C3'"  sing N N 12  
AS  "C4'" "H4'"  sing N N 13  
AS  "O4'" "C1'"  sing N N 14  
AS  "C3'" "O3'"  sing N N 15  
AS  "C3'" "C2'"  sing N N 16  
AS  "C3'" "H3'"  sing N N 17  
AS  "O3'" "HO3'" sing N N 18  
AS  "C2'" "C1'"  sing N N 19  
AS  "C2'" "H2'"  sing N N 20  
AS  "C2'" "H2''" sing N N 21  
AS  "C1'" N9     sing N N 22  
AS  "C1'" "H1'"  sing N N 23  
AS  N9    C8     sing Y N 24  
AS  N9    C4     sing Y N 25  
AS  C8    N7     doub Y N 26  
AS  C8    H8     sing N N 27  
AS  N7    C5     sing Y N 28  
AS  C5    C6     sing Y N 29  
AS  C5    C4     doub Y N 30  
AS  C6    N6     sing N N 31  
AS  C6    N1     doub Y N 32  
AS  N6    HN61   sing N N 33  
AS  N6    HN62   sing N N 34  
AS  N1    C2     sing Y N 35  
AS  C2    N3     doub Y N 36  
AS  C2    H2     sing N N 37  
AS  N3    C4     sing Y N 38  
BRU N1    C2     sing N N 39  
BRU N1    C6     sing N N 40  
BRU N1    "C1'"  sing N N 41  
BRU C2    N3     sing N N 42  
BRU C2    O2     doub N N 43  
BRU N3    C4     sing N N 44  
BRU N3    HN3    sing N N 45  
BRU C4    C5     sing N N 46  
BRU C4    O4     doub N N 47  
BRU C5    C6     doub N N 48  
BRU C5    BR     sing N N 49  
BRU C6    H6     sing N N 50  
BRU "C1'" "C2'"  sing N N 51  
BRU "C1'" "O4'"  sing N N 52  
BRU "C1'" "H1'"  sing N N 53  
BRU "C2'" "C3'"  sing N N 54  
BRU "C2'" "H2'"  sing N N 55  
BRU "C2'" "H2''" sing N N 56  
BRU "C3'" "C4'"  sing N N 57  
BRU "C3'" "O3'"  sing N N 58  
BRU "C3'" "H3'"  sing N N 59  
BRU "C4'" "O4'"  sing N N 60  
BRU "C4'" "C5'"  sing N N 61  
BRU "C4'" "H4'"  sing N N 62  
BRU "O3'" "HO3'" sing N N 63  
BRU "C5'" "O5'"  sing N N 64  
BRU "C5'" "H5'"  sing N N 65  
BRU "C5'" "H5''" sing N N 66  
BRU "O5'" P      sing N N 67  
BRU P     OP1    doub N N 68  
BRU P     OP2    sing N N 69  
BRU P     OP3    sing N N 70  
BRU OP2   HOP2   sing N N 71  
BRU OP3   HOP3   sing N N 72  
DA  OP3   P      sing N N 73  
DA  OP3   HOP3   sing N N 74  
DA  P     OP1    doub N N 75  
DA  P     OP2    sing N N 76  
DA  P     "O5'"  sing N N 77  
DA  OP2   HOP2   sing N N 78  
DA  "O5'" "C5'"  sing N N 79  
DA  "C5'" "C4'"  sing N N 80  
DA  "C5'" "H5'"  sing N N 81  
DA  "C5'" "H5''" sing N N 82  
DA  "C4'" "O4'"  sing N N 83  
DA  "C4'" "C3'"  sing N N 84  
DA  "C4'" "H4'"  sing N N 85  
DA  "O4'" "C1'"  sing N N 86  
DA  "C3'" "O3'"  sing N N 87  
DA  "C3'" "C2'"  sing N N 88  
DA  "C3'" "H3'"  sing N N 89  
DA  "O3'" "HO3'" sing N N 90  
DA  "C2'" "C1'"  sing N N 91  
DA  "C2'" "H2'"  sing N N 92  
DA  "C2'" "H2''" sing N N 93  
DA  "C1'" N9     sing N N 94  
DA  "C1'" "H1'"  sing N N 95  
DA  N9    C8     sing Y N 96  
DA  N9    C4     sing Y N 97  
DA  C8    N7     doub Y N 98  
DA  C8    H8     sing N N 99  
DA  N7    C5     sing Y N 100 
DA  C5    C6     sing Y N 101 
DA  C5    C4     doub Y N 102 
DA  C6    N6     sing N N 103 
DA  C6    N1     doub Y N 104 
DA  N6    H61    sing N N 105 
DA  N6    H62    sing N N 106 
DA  N1    C2     sing Y N 107 
DA  C2    N3     doub Y N 108 
DA  C2    H2     sing N N 109 
DA  N3    C4     sing Y N 110 
DC  OP3   P      sing N N 111 
DC  OP3   HOP3   sing N N 112 
DC  P     OP1    doub N N 113 
DC  P     OP2    sing N N 114 
DC  P     "O5'"  sing N N 115 
DC  OP2   HOP2   sing N N 116 
DC  "O5'" "C5'"  sing N N 117 
DC  "C5'" "C4'"  sing N N 118 
DC  "C5'" "H5'"  sing N N 119 
DC  "C5'" "H5''" sing N N 120 
DC  "C4'" "O4'"  sing N N 121 
DC  "C4'" "C3'"  sing N N 122 
DC  "C4'" "H4'"  sing N N 123 
DC  "O4'" "C1'"  sing N N 124 
DC  "C3'" "O3'"  sing N N 125 
DC  "C3'" "C2'"  sing N N 126 
DC  "C3'" "H3'"  sing N N 127 
DC  "O3'" "HO3'" sing N N 128 
DC  "C2'" "C1'"  sing N N 129 
DC  "C2'" "H2'"  sing N N 130 
DC  "C2'" "H2''" sing N N 131 
DC  "C1'" N1     sing N N 132 
DC  "C1'" "H1'"  sing N N 133 
DC  N1    C2     sing N N 134 
DC  N1    C6     sing N N 135 
DC  C2    O2     doub N N 136 
DC  C2    N3     sing N N 137 
DC  N3    C4     doub N N 138 
DC  C4    N4     sing N N 139 
DC  C4    C5     sing N N 140 
DC  N4    H41    sing N N 141 
DC  N4    H42    sing N N 142 
DC  C5    C6     doub N N 143 
DC  C5    H5     sing N N 144 
DC  C6    H6     sing N N 145 
DG  OP3   P      sing N N 146 
DG  OP3   HOP3   sing N N 147 
DG  P     OP1    doub N N 148 
DG  P     OP2    sing N N 149 
DG  P     "O5'"  sing N N 150 
DG  OP2   HOP2   sing N N 151 
DG  "O5'" "C5'"  sing N N 152 
DG  "C5'" "C4'"  sing N N 153 
DG  "C5'" "H5'"  sing N N 154 
DG  "C5'" "H5''" sing N N 155 
DG  "C4'" "O4'"  sing N N 156 
DG  "C4'" "C3'"  sing N N 157 
DG  "C4'" "H4'"  sing N N 158 
DG  "O4'" "C1'"  sing N N 159 
DG  "C3'" "O3'"  sing N N 160 
DG  "C3'" "C2'"  sing N N 161 
DG  "C3'" "H3'"  sing N N 162 
DG  "O3'" "HO3'" sing N N 163 
DG  "C2'" "C1'"  sing N N 164 
DG  "C2'" "H2'"  sing N N 165 
DG  "C2'" "H2''" sing N N 166 
DG  "C1'" N9     sing N N 167 
DG  "C1'" "H1'"  sing N N 168 
DG  N9    C8     sing Y N 169 
DG  N9    C4     sing Y N 170 
DG  C8    N7     doub Y N 171 
DG  C8    H8     sing N N 172 
DG  N7    C5     sing Y N 173 
DG  C5    C6     sing N N 174 
DG  C5    C4     doub Y N 175 
DG  C6    O6     doub N N 176 
DG  C6    N1     sing N N 177 
DG  N1    C2     sing N N 178 
DG  N1    H1     sing N N 179 
DG  C2    N2     sing N N 180 
DG  C2    N3     doub N N 181 
DG  N2    H21    sing N N 182 
DG  N2    H22    sing N N 183 
DG  N3    C4     sing N N 184 
DT  OP3   P      sing N N 185 
DT  OP3   HOP3   sing N N 186 
DT  P     OP1    doub N N 187 
DT  P     OP2    sing N N 188 
DT  P     "O5'"  sing N N 189 
DT  OP2   HOP2   sing N N 190 
DT  "O5'" "C5'"  sing N N 191 
DT  "C5'" "C4'"  sing N N 192 
DT  "C5'" "H5'"  sing N N 193 
DT  "C5'" "H5''" sing N N 194 
DT  "C4'" "O4'"  sing N N 195 
DT  "C4'" "C3'"  sing N N 196 
DT  "C4'" "H4'"  sing N N 197 
DT  "O4'" "C1'"  sing N N 198 
DT  "C3'" "O3'"  sing N N 199 
DT  "C3'" "C2'"  sing N N 200 
DT  "C3'" "H3'"  sing N N 201 
DT  "O3'" "HO3'" sing N N 202 
DT  "C2'" "C1'"  sing N N 203 
DT  "C2'" "H2'"  sing N N 204 
DT  "C2'" "H2''" sing N N 205 
DT  "C1'" N1     sing N N 206 
DT  "C1'" "H1'"  sing N N 207 
DT  N1    C2     sing N N 208 
DT  N1    C6     sing N N 209 
DT  C2    O2     doub N N 210 
DT  C2    N3     sing N N 211 
DT  N3    C4     sing N N 212 
DT  N3    H3     sing N N 213 
DT  C4    O4     doub N N 214 
DT  C4    C5     sing N N 215 
DT  C5    C7     sing N N 216 
DT  C5    C6     doub N N 217 
DT  C7    H71    sing N N 218 
DT  C7    H72    sing N N 219 
DT  C7    H73    sing N N 220 
DT  C6    H6     sing N N 221 
HOH O     H1     sing N N 222 
HOH O     H2     sing N N 223 
# 
_ndb_struct_conf_na.entry_id   5VBJ 
_ndb_struct_conf_na.feature    'b-form double helix' 
# 
loop_
_ndb_struct_na_base_pair.model_number 
_ndb_struct_na_base_pair.i_label_asym_id 
_ndb_struct_na_base_pair.i_label_comp_id 
_ndb_struct_na_base_pair.i_label_seq_id 
_ndb_struct_na_base_pair.i_symmetry 
_ndb_struct_na_base_pair.j_label_asym_id 
_ndb_struct_na_base_pair.j_label_comp_id 
_ndb_struct_na_base_pair.j_label_seq_id 
_ndb_struct_na_base_pair.j_symmetry 
_ndb_struct_na_base_pair.shear 
_ndb_struct_na_base_pair.stretch 
_ndb_struct_na_base_pair.stagger 
_ndb_struct_na_base_pair.buckle 
_ndb_struct_na_base_pair.propeller 
_ndb_struct_na_base_pair.opening 
_ndb_struct_na_base_pair.pair_number 
_ndb_struct_na_base_pair.pair_name 
_ndb_struct_na_base_pair.i_auth_asym_id 
_ndb_struct_na_base_pair.i_auth_seq_id 
_ndb_struct_na_base_pair.i_PDB_ins_code 
_ndb_struct_na_base_pair.j_auth_asym_id 
_ndb_struct_na_base_pair.j_auth_seq_id 
_ndb_struct_na_base_pair.j_PDB_ins_code 
_ndb_struct_na_base_pair.hbond_type_28 
_ndb_struct_na_base_pair.hbond_type_12 
1 A DC 1 1_555 B DG  10 1_555 0.343  -0.032 0.181 -2.227  -12.753 0.319  1 A_DC1:DG20_B  A 1 ? B 20 ? 19 1 
1 A DC 2 1_555 B DG  9  1_555 0.189  -0.585 0.219 6.402   -6.833  1.693  2 A_DC2:DG19_B  A 2 ? B 19 ? 19 1 
1 A DG 3 1_555 B DC  8  1_555 0.170  -0.166 0.540 5.841   -14.018 -0.479 3 A_DG3:DC18_B  A 3 ? B 18 ? 19 1 
1 A DA 4 1_555 B BRU 7  1_555 0.022  -0.026 0.171 -4.854  -15.369 3.375  4 A_DA4:BRU17_B A 4 ? B 17 ? 20 1 
1 A DT 5 1_555 B AS  6  1_555 -0.915 0.114  0.501 -17.122 -18.694 3.975  5 A_DT5:AS16_B  A 5 ? B 16 ? 20 1 
1 A AS 6 1_555 B DT  5  1_555 0.470  -0.222 0.089 -0.593  -13.025 2.520  6 A_AS6:DT15_B  A 6 ? B 15 ? 20 1 
# 
loop_
_ndb_struct_na_base_pair_step.model_number 
_ndb_struct_na_base_pair_step.i_label_asym_id_1 
_ndb_struct_na_base_pair_step.i_label_comp_id_1 
_ndb_struct_na_base_pair_step.i_label_seq_id_1 
_ndb_struct_na_base_pair_step.i_symmetry_1 
_ndb_struct_na_base_pair_step.j_label_asym_id_1 
_ndb_struct_na_base_pair_step.j_label_comp_id_1 
_ndb_struct_na_base_pair_step.j_label_seq_id_1 
_ndb_struct_na_base_pair_step.j_symmetry_1 
_ndb_struct_na_base_pair_step.i_label_asym_id_2 
_ndb_struct_na_base_pair_step.i_label_comp_id_2 
_ndb_struct_na_base_pair_step.i_label_seq_id_2 
_ndb_struct_na_base_pair_step.i_symmetry_2 
_ndb_struct_na_base_pair_step.j_label_asym_id_2 
_ndb_struct_na_base_pair_step.j_label_comp_id_2 
_ndb_struct_na_base_pair_step.j_label_seq_id_2 
_ndb_struct_na_base_pair_step.j_symmetry_2 
_ndb_struct_na_base_pair_step.shift 
_ndb_struct_na_base_pair_step.slide 
_ndb_struct_na_base_pair_step.rise 
_ndb_struct_na_base_pair_step.tilt 
_ndb_struct_na_base_pair_step.roll 
_ndb_struct_na_base_pair_step.twist 
_ndb_struct_na_base_pair_step.x_displacement 
_ndb_struct_na_base_pair_step.y_displacement 
_ndb_struct_na_base_pair_step.helical_rise 
_ndb_struct_na_base_pair_step.inclination 
_ndb_struct_na_base_pair_step.tip 
_ndb_struct_na_base_pair_step.helical_twist 
_ndb_struct_na_base_pair_step.step_number 
_ndb_struct_na_base_pair_step.step_name 
_ndb_struct_na_base_pair_step.i_auth_asym_id_1 
_ndb_struct_na_base_pair_step.i_auth_seq_id_1 
_ndb_struct_na_base_pair_step.i_PDB_ins_code_1 
_ndb_struct_na_base_pair_step.j_auth_asym_id_1 
_ndb_struct_na_base_pair_step.j_auth_seq_id_1 
_ndb_struct_na_base_pair_step.j_PDB_ins_code_1 
_ndb_struct_na_base_pair_step.i_auth_asym_id_2 
_ndb_struct_na_base_pair_step.i_auth_seq_id_2 
_ndb_struct_na_base_pair_step.i_PDB_ins_code_2 
_ndb_struct_na_base_pair_step.j_auth_asym_id_2 
_ndb_struct_na_base_pair_step.j_auth_seq_id_2 
_ndb_struct_na_base_pair_step.j_PDB_ins_code_2 
1 A DC 1 1_555 B DG  10 1_555 A DC 2 1_555 B DG  9 1_555 0.581  1.856  3.275 4.694  2.004  37.212 2.615  -0.274 3.412 3.123  
-7.314 37.549 1 AA_DC1DC2:DG19DG20_BB  A 1 ? B 20 ? A 2 ? B 19 ? 
1 A DC 2 1_555 B DG  9  1_555 A DG 3 1_555 B DC  8 1_555 -0.778 0.914  3.406 -6.666 1.463  38.826 1.172  0.312  3.518 2.180  9.934 
39.399 2 AA_DC2DG3:DC18DG19_BB  A 2 ? B 19 ? A 3 ? B 18 ? 
1 A DG 3 1_555 B DC  8  1_555 A DA 4 1_555 B BRU 7 1_555 0.016  -0.205 3.449 1.139  -2.338 38.337 -0.003 0.125  3.454 -3.556 
-1.732 38.422 3 AA_DG3DA4:BRU17DC18_BB A 3 ? B 18 ? A 4 ? B 17 ? 
1 A DA 4 1_555 B BRU 7  1_555 A DT 5 1_555 B AS  6 1_555 -0.448 -0.698 3.471 -3.286 -2.893 30.568 -0.705 0.153  3.548 -5.452 6.192 
30.872 4 AA_DA4DT5:AS16BRU17_BB A 4 ? B 17 ? A 5 ? B 16 ? 
1 A DT 5 1_555 B AS  6  1_555 A AS 6 1_555 B DT  5 1_555 0.404  1.031  3.100 5.715  0.449  44.348 1.317  -0.032 3.136 0.592  
-7.533 44.698 5 AA_DT5AS6:DT15AS16_BB  A 5 ? B 16 ? A 6 ? B 15 ? 
# 
_pdbx_audit_support.funding_organization   'National Science Foundation (NSF, United States)' 
_pdbx_audit_support.country                'United States' 
_pdbx_audit_support.grant_number           5351441 
_pdbx_audit_support.ordinal                1 
# 
_atom_sites.entry_id                    5VBJ 
_atom_sites.fract_transf_matrix[1][1]   0.00571764 
_atom_sites.fract_transf_matrix[1][2]   0.01410643 
_atom_sites.fract_transf_matrix[1][3]   0.00722107 
_atom_sites.fract_transf_matrix[2][1]   0.02529708 
_atom_sites.fract_transf_matrix[2][2]   0.00639723 
_atom_sites.fract_transf_matrix[2][3]   -0.03252727 
_atom_sites.fract_transf_matrix[3][1]   -0.01532624 
_atom_sites.fract_transf_matrix[3][2]   0.02296666 
_atom_sites.fract_transf_matrix[3][3]   -0.00740259 
_atom_sites.fract_transf_vector[1]      0.047632 
_atom_sites.fract_transf_vector[2]      0.541813 
_atom_sites.fract_transf_vector[3]      0.361999 
# 
loop_
_atom_type.symbol 
BR 
C  
CA 
N  
O  
P  
S  
# 
loop_
_atom_site.group_PDB 
_atom_site.id 
_atom_site.type_symbol 
_atom_site.label_atom_id 
_atom_site.label_alt_id 
_atom_site.label_comp_id 
_atom_site.label_asym_id 
_atom_site.label_entity_id 
_atom_site.label_seq_id 
_atom_site.pdbx_PDB_ins_code 
_atom_site.Cartn_x 
_atom_site.Cartn_y 
_atom_site.Cartn_z 
_atom_site.occupancy 
_atom_site.B_iso_or_equiv 
_atom_site.pdbx_formal_charge 
_atom_site.auth_seq_id 
_atom_site.auth_comp_id 
_atom_site.auth_asym_id 
_atom_site.auth_atom_id 
_atom_site.pdbx_PDB_model_num 
ATOM   1   O  "O5'" . DC  A 1 1  ? 11.052  -2.119  11.708  1.00 38.19 ? 1   DC  A "O5'" 1 
ATOM   2   C  "C5'" . DC  A 1 1  ? 10.422  -3.115  12.538  1.00 41.52 ? 1   DC  A "C5'" 1 
ATOM   3   C  "C4'" . DC  A 1 1  ? 9.817   -2.480  13.780  1.00 38.49 ? 1   DC  A "C4'" 1 
ATOM   4   O  "O4'" . DC  A 1 1  ? 9.927   -1.046  13.669  1.00 35.03 ? 1   DC  A "O4'" 1 
ATOM   5   C  "C3'" . DC  A 1 1  ? 8.330   -2.758  13.981  1.00 42.95 ? 1   DC  A "C3'" 1 
ATOM   6   O  "O3'" . DC  A 1 1  ? 8.018   -2.845  15.349  1.00 38.36 ? 1   DC  A "O3'" 1 
ATOM   7   C  "C2'" . DC  A 1 1  ? 7.659   -1.560  13.330  1.00 35.55 ? 1   DC  A "C2'" 1 
ATOM   8   C  "C1'" . DC  A 1 1  ? 8.645   -0.460  13.629  1.00 36.45 ? 1   DC  A "C1'" 1 
ATOM   9   N  N1    . DC  A 1 1  ? 8.679   0.604   12.619  1.00 37.48 ? 1   DC  A N1    1 
ATOM   10  C  C2    . DC  A 1 1  ? 7.642   1.536   12.559  1.00 35.84 ? 1   DC  A C2    1 
ATOM   11  O  O2    . DC  A 1 1  ? 6.676   1.414   13.328  1.00 39.68 ? 1   DC  A O2    1 
ATOM   12  N  N3    . DC  A 1 1  ? 7.720   2.543   11.655  1.00 32.37 ? 1   DC  A N3    1 
ATOM   13  C  C4    . DC  A 1 1  ? 8.770   2.621   10.835  1.00 37.25 ? 1   DC  A C4    1 
ATOM   14  N  N4    . DC  A 1 1  ? 8.803   3.625   9.947   1.00 33.19 ? 1   DC  A N4    1 
ATOM   15  C  C5    . DC  A 1 1  ? 9.836   1.678   10.889  1.00 37.35 ? 1   DC  A C5    1 
ATOM   16  C  C6    . DC  A 1 1  ? 9.751   0.702   11.794  1.00 32.97 ? 1   DC  A C6    1 
ATOM   17  P  P     . DC  A 1 2  ? 7.341   -4.194  15.888  1.00 50.27 ? 2   DC  A P     1 
ATOM   18  O  OP1   . DC  A 1 2  ? 6.973   -4.045  17.322  1.00 42.23 ? 2   DC  A OP1   1 
ATOM   19  O  OP2   . DC  A 1 2  ? 8.246   -5.289  15.483  1.00 55.26 ? 2   DC  A OP2   1 
ATOM   20  O  "O5'" . DC  A 1 2  ? 6.035   -4.342  14.969  1.00 44.95 ? 2   DC  A "O5'" 1 
ATOM   21  C  "C5'" . DC  A 1 2  ? 4.835   -3.700  15.349  1.00 44.59 ? 2   DC  A "C5'" 1 
ATOM   22  C  "C4'" . DC  A 1 2  ? 3.912   -3.523  14.166  1.00 35.56 ? 2   DC  A "C4'" 1 
ATOM   23  O  "O4'" . DC  A 1 2  ? 4.487   -2.567  13.232  1.00 41.25 ? 2   DC  A "O4'" 1 
ATOM   24  C  "C3'" . DC  A 1 2  ? 3.663   -4.782  13.348  1.00 38.13 ? 2   DC  A "C3'" 1 
ATOM   25  O  "O3'" . DC  A 1 2  ? 2.343   -4.752  12.881  1.00 42.37 ? 2   DC  A "O3'" 1 
ATOM   26  C  "C2'" . DC  A 1 2  ? 4.634   -4.599  12.184  1.00 37.13 ? 2   DC  A "C2'" 1 
ATOM   27  C  "C1'" . DC  A 1 2  ? 4.413   -3.127  11.944  1.00 36.71 ? 2   DC  A "C1'" 1 
ATOM   28  N  N1    . DC  A 1 2  ? 5.399   -2.469  11.047  1.00 34.98 ? 2   DC  A N1    1 
ATOM   29  C  C2    . DC  A 1 2  ? 5.124   -1.188  10.584  1.00 33.63 ? 2   DC  A C2    1 
ATOM   30  O  O2    . DC  A 1 2  ? 4.087   -0.636  10.952  1.00 35.15 ? 2   DC  A O2    1 
ATOM   31  N  N3    . DC  A 1 2  ? 6.006   -0.578  9.755   1.00 34.87 ? 2   DC  A N3    1 
ATOM   32  C  C4    . DC  A 1 2  ? 7.123   -1.207  9.381   1.00 33.51 ? 2   DC  A C4    1 
ATOM   33  N  N4    . DC  A 1 2  ? 7.970   -0.553  8.560   1.00 29.65 ? 2   DC  A N4    1 
ATOM   34  C  C5    . DC  A 1 2  ? 7.418   -2.534  9.829   1.00 35.96 ? 2   DC  A C5    1 
ATOM   35  C  C6    . DC  A 1 2  ? 6.530   -3.128  10.648  1.00 34.93 ? 2   DC  A C6    1 
ATOM   36  P  P     . DG  A 1 3  ? 1.246   -5.765  13.452  1.00 42.79 ? 3   DG  A P     1 
ATOM   37  O  OP1   . DG  A 1 3  ? 1.378   -5.739  14.933  1.00 43.75 ? 3   DG  A OP1   1 
ATOM   38  O  OP2   . DG  A 1 3  ? 1.314   -7.015  12.662  1.00 39.34 ? 3   DG  A OP2   1 
ATOM   39  O  "O5'" . DG  A 1 3  ? -0.133  -5.076  13.066  1.00 42.45 ? 3   DG  A "O5'" 1 
ATOM   40  C  "C5'" . DG  A 1 3  ? -0.543  -3.904  13.726  1.00 39.36 ? 3   DG  A "C5'" 1 
ATOM   41  C  "C4'" . DG  A 1 3  ? -1.150  -2.946  12.737  1.00 40.16 ? 3   DG  A "C4'" 1 
ATOM   42  O  "O4'" . DG  A 1 3  ? -0.093  -2.425  11.903  1.00 37.43 ? 3   DG  A "O4'" 1 
ATOM   43  C  "C3'" . DG  A 1 3  ? -2.179  -3.568  11.794  1.00 39.17 ? 3   DG  A "C3'" 1 
ATOM   44  O  "O3'" . DG  A 1 3  ? -3.306  -2.690  11.646  1.00 46.25 ? 3   DG  A "O3'" 1 
ATOM   45  C  "C2'" . DG  A 1 3  ? -1.396  -3.755  10.492  1.00 33.13 ? 3   DG  A "C2'" 1 
ATOM   46  C  "C1'" . DG  A 1 3  ? -0.399  -2.614  10.549  1.00 33.49 ? 3   DG  A "C1'" 1 
ATOM   47  N  N9    . DG  A 1 3  ? 0.853   -2.882  9.860   1.00 31.18 ? 3   DG  A N9    1 
ATOM   48  C  C8    . DG  A 1 3  ? 1.645   -3.994  9.977   1.00 32.42 ? 3   DG  A C8    1 
ATOM   49  N  N7    . DG  A 1 3  ? 2.725   -3.943  9.236   1.00 32.12 ? 3   DG  A N7    1 
ATOM   50  C  C5    . DG  A 1 3  ? 2.644   -2.715  8.603   1.00 29.29 ? 3   DG  A C5    1 
ATOM   51  C  C6    . DG  A 1 3  ? 3.526   -2.104  7.684   1.00 31.33 ? 3   DG  A C6    1 
ATOM   52  O  O6    . DG  A 1 3  ? 4.596   -2.547  7.238   1.00 32.34 ? 3   DG  A O6    1 
ATOM   53  N  N1    . DG  A 1 3  ? 3.059   -0.849  7.276   1.00 34.96 ? 3   DG  A N1    1 
ATOM   54  C  C2    . DG  A 1 3  ? 1.881   -0.267  7.709   1.00 31.50 ? 3   DG  A C2    1 
ATOM   55  N  N2    . DG  A 1 3  ? 1.599   0.944   7.222   1.00 37.14 ? 3   DG  A N2    1 
ATOM   56  N  N3    . DG  A 1 3  ? 1.051   -0.828  8.573   1.00 34.93 ? 3   DG  A N3    1 
ATOM   57  C  C4    . DG  A 1 3  ? 1.494   -2.048  8.977   1.00 35.00 ? 3   DG  A C4    1 
ATOM   58  P  P     . DA  A 1 4  ? -4.314  -2.825  10.392  1.00 43.60 ? 4   DA  A P     1 
ATOM   59  O  OP1   . DA  A 1 4  ? -5.610  -2.210  10.754  1.00 45.88 ? 4   DA  A OP1   1 
ATOM   60  O  OP2   . DA  A 1 4  ? -4.243  -4.199  9.838   1.00 40.31 ? 4   DA  A OP2   1 
ATOM   61  O  "O5'" . DA  A 1 4  ? -3.720  -1.801  9.346   1.00 42.49 ? 4   DA  A "O5'" 1 
ATOM   62  C  "C5'" . DA  A 1 4  ? -3.561  -0.457  9.721   1.00 38.91 ? 4   DA  A "C5'" 1 
ATOM   63  C  "C4'" . DA  A 1 4  ? -3.482  0.423   8.500   1.00 42.40 ? 4   DA  A "C4'" 1 
ATOM   64  O  "O4'" . DA  A 1 4  ? -2.228  0.182   7.822   1.00 41.29 ? 4   DA  A "O4'" 1 
ATOM   65  C  "C3'" . DA  A 1 4  ? -4.557  0.156   7.466   1.00 40.58 ? 4   DA  A "C3'" 1 
ATOM   66  O  "O3'" . DA  A 1 4  ? -4.795  1.341   6.723   1.00 37.52 ? 4   DA  A "O3'" 1 
ATOM   67  C  "C2'" . DA  A 1 4  ? -3.915  -0.945  6.622   1.00 35.67 ? 4   DA  A "C2'" 1 
ATOM   68  C  "C1'" . DA  A 1 4  ? -2.469  -0.486  6.598   1.00 36.62 ? 4   DA  A "C1'" 1 
ATOM   69  N  N9    . DA  A 1 4  ? -1.493  -1.559  6.458   1.00 33.13 ? 4   DA  A N9    1 
ATOM   70  C  C8    . DA  A 1 4  ? -1.497  -2.784  7.072   1.00 34.26 ? 4   DA  A C8    1 
ATOM   71  N  N7    . DA  A 1 4  ? -0.470  -3.538  6.754   1.00 30.65 ? 4   DA  A N7    1 
ATOM   72  C  C5    . DA  A 1 4  ? 0.262   -2.739  5.879   1.00 33.32 ? 4   DA  A C5    1 
ATOM   73  C  C6    . DA  A 1 4  ? 1.474   -2.940  5.192   1.00 31.24 ? 4   DA  A C6    1 
ATOM   74  N  N6    . DA  A 1 4  ? 2.196   -4.065  5.279   1.00 28.19 ? 4   DA  A N6    1 
ATOM   75  N  N1    . DA  A 1 4  ? 1.912   -1.942  4.399   1.00 30.83 ? 4   DA  A N1    1 
ATOM   76  C  C2    . DA  A 1 4  ? 1.198   -0.815  4.312   1.00 30.16 ? 4   DA  A C2    1 
ATOM   77  N  N3    . DA  A 1 4  ? 0.062   -0.502  4.916   1.00 31.85 ? 4   DA  A N3    1 
ATOM   78  C  C4    . DA  A 1 4  ? -0.359  -1.520  5.691   1.00 34.43 ? 4   DA  A C4    1 
ATOM   79  P  P     . DT  A 1 5  ? -5.913  1.377   5.570   1.00 40.86 ? 5   DT  A P     1 
ATOM   80  O  OP1   . DT  A 1 5  ? -6.782  2.516   5.891   1.00 50.34 ? 5   DT  A OP1   1 
ATOM   81  O  OP2   . DT  A 1 5  ? -6.514  0.031   5.428   1.00 37.90 ? 5   DT  A OP2   1 
ATOM   82  O  "O5'" . DT  A 1 5  ? -5.084  1.780   4.238   1.00 45.43 ? 5   DT  A "O5'" 1 
ATOM   83  C  "C5'" A DT  A 1 5  ? -4.096  2.832   4.321   0.52 35.25 ? 5   DT  A "C5'" 1 
ATOM   84  C  "C5'" B DT  A 1 5  ? -3.769  1.256   4.008   0.48 35.54 ? 5   DT  A "C5'" 1 
ATOM   85  C  "C4'" A DT  A 1 5  ? -3.118  2.803   3.149   0.52 31.82 ? 5   DT  A "C4'" 1 
ATOM   86  C  "C4'" B DT  A 1 5  ? -3.448  1.136   2.528   0.48 31.92 ? 5   DT  A "C4'" 1 
ATOM   87  O  "O4'" A DT  A 1 5  ? -2.238  1.651   3.241   0.52 30.38 ? 5   DT  A "O4'" 1 
ATOM   88  O  "O4'" B DT  A 1 5  ? -2.310  0.235   2.365   0.48 31.05 ? 5   DT  A "O4'" 1 
ATOM   89  C  "C3'" A DT  A 1 5  ? -3.753  2.748   1.759   0.52 29.68 ? 5   DT  A "C3'" 1 
ATOM   90  C  "C3'" B DT  A 1 5  ? -4.554  0.531   1.676   0.48 30.01 ? 5   DT  A "C3'" 1 
ATOM   91  O  "O3'" A DT  A 1 5  ? -3.190  3.772   0.943   0.52 31.20 ? 5   DT  A "O3'" 1 
ATOM   92  O  "O3'" B DT  A 1 5  ? -4.417  0.960   0.326   0.48 30.41 ? 5   DT  A "O3'" 1 
ATOM   93  C  "C2'" A DT  A 1 5  ? -3.392  1.346   1.248   0.52 29.46 ? 5   DT  A "C2'" 1 
ATOM   94  C  "C2'" B DT  A 1 5  ? -4.247  -0.952  1.802   0.48 32.91 ? 5   DT  A "C2'" 1 
ATOM   95  C  "C1'" A DT  A 1 5  ? -2.076  1.097   1.955   0.52 29.99 ? 5   DT  A "C1'" 1 
ATOM   96  C  "C1'" B DT  A 1 5  ? -2.732  -0.926  1.676   0.48 30.51 ? 5   DT  A "C1'" 1 
ATOM   97  N  N1    A DT  A 1 5  ? -1.717  -0.349  2.109   0.52 30.30 ? 5   DT  A N1    1 
ATOM   98  N  N1    B DT  A 1 5  ? -2.050  -2.140  2.241   0.48 29.24 ? 5   DT  A N1    1 
ATOM   99  C  C2    A DT  A 1 5  ? -0.615  -0.845  1.447   0.52 29.28 ? 5   DT  A C2    1 
ATOM   100 C  C2    B DT  A 1 5  ? -0.710  -2.337  1.992   0.48 30.70 ? 5   DT  A C2    1 
ATOM   101 O  O2    A DT  A 1 5  ? 0.091   -0.169  0.717   0.52 29.20 ? 5   DT  A O2    1 
ATOM   102 O  O2    B DT  A 1 5  ? -0.029  -1.551  1.355   0.48 30.24 ? 5   DT  A O2    1 
ATOM   103 N  N3    A DT  A 1 5  ? -0.360  -2.168  1.675   0.52 30.71 ? 5   DT  A N3    1 
ATOM   104 N  N3    B DT  A 1 5  ? -0.187  -3.490  2.533   0.48 29.46 ? 5   DT  A N3    1 
ATOM   105 C  C4    A DT  A 1 5  ? -1.077  -3.032  2.480   0.52 31.19 ? 5   DT  A C4    1 
ATOM   106 C  C4    B DT  A 1 5  ? -0.858  -4.455  3.268   0.48 30.95 ? 5   DT  A C4    1 
ATOM   107 O  O4    A DT  A 1 5  ? -0.767  -4.214  2.614   0.52 31.07 ? 5   DT  A O4    1 
ATOM   108 O  O4    B DT  A 1 5  ? -0.302  -5.463  3.705   0.48 29.57 ? 5   DT  A O4    1 
ATOM   109 C  C5    A DT  A 1 5  ? -2.218  -2.446  3.149   0.52 29.76 ? 5   DT  A C5    1 
ATOM   110 C  C5    B DT  A 1 5  ? -2.260  -4.196  3.485   0.48 31.30 ? 5   DT  A C5    1 
ATOM   111 C  C7    A DT  A 1 5  ? -3.072  -3.283  4.051   0.52 30.68 ? 5   DT  A C7    1 
ATOM   112 C  C7    B DT  A 1 5  ? -3.090  -5.174  4.273   0.48 28.26 ? 5   DT  A C7    1 
ATOM   113 C  C6    A DT  A 1 5  ? -2.478  -1.150  2.936   0.52 29.52 ? 5   DT  A C6    1 
ATOM   114 C  C6    B DT  A 1 5  ? -2.785  -3.065  2.963   0.48 31.28 ? 5   DT  A C6    1 
HETATM 115 P  P     A AS  A 1 6  ? -4.004  4.304   -0.331  0.52 33.14 ? 6   AS  A P     1 
HETATM 116 P  P     B AS  A 1 6  ? -4.981  2.373   -0.195  0.48 33.01 ? 6   AS  A P     1 
HETATM 117 O  OP1   A AS  A 1 6  ? -3.587  5.746   -0.544  0.52 30.77 ? 6   AS  A OP1   1 
HETATM 118 O  OP1   B AS  A 1 6  ? -4.369  3.457   0.650   0.48 31.20 ? 6   AS  A OP1   1 
HETATM 119 S  S2P   A AS  A 1 6  ? -5.842  3.691   -0.072  0.52 28.69 ? 6   AS  A S2P   1 
HETATM 120 S  S2P   B AS  A 1 6  ? -6.920  2.206   -0.394  0.48 42.17 ? 6   AS  A S2P   1 
HETATM 121 O  "O5'" A AS  A 1 6  ? -3.497  3.343   -1.517  0.52 29.66 ? 6   AS  A "O5'" 1 
HETATM 122 O  "O5'" B AS  A 1 6  ? -4.412  2.420   -1.693  0.48 25.75 ? 6   AS  A "O5'" 1 
HETATM 123 C  "C5'" A AS  A 1 6  ? -2.136  3.450   -1.929  0.52 27.55 ? 6   AS  A "C5'" 1 
HETATM 124 C  "C5'" B AS  A 1 6  ? -3.195  3.129   -1.904  0.48 29.11 ? 6   AS  A "C5'" 1 
HETATM 125 C  "C4'" A AS  A 1 6  ? -1.746  2.398   -2.935  0.52 27.90 ? 6   AS  A "C4'" 1 
HETATM 126 C  "C4'" B AS  A 1 6  ? -2.224  2.429   -2.825  0.48 28.08 ? 6   AS  A "C4'" 1 
HETATM 127 O  "O4'" A AS  A 1 6  ? -1.630  1.109   -2.291  0.52 27.07 ? 6   AS  A "O4'" 1 
HETATM 128 O  "O4'" B AS  A 1 6  ? -1.824  1.155   -2.265  0.48 27.17 ? 6   AS  A "O4'" 1 
HETATM 129 C  "C3'" A AS  A 1 6  ? -2.725  2.210   -4.107  0.52 27.38 ? 6   AS  A "C3'" 1 
HETATM 130 C  "C3'" B AS  A 1 6  ? -2.750  2.143   -4.238  0.48 27.37 ? 6   AS  A "C3'" 1 
HETATM 131 O  "O3'" A AS  A 1 6  ? -2.103  2.527   -5.363  0.52 27.22 ? 6   AS  A "O3'" 1 
HETATM 132 O  "O3'" B AS  A 1 6  ? -1.771  2.502   -5.227  0.48 27.16 ? 6   AS  A "O3'" 1 
HETATM 133 C  "C2'" A AS  A 1 6  ? -3.101  0.726   -4.047  0.52 26.15 ? 6   AS  A "C2'" 1 
HETATM 134 C  "C2'" B AS  A 1 6  ? -3.016  0.633   -4.211  0.48 26.12 ? 6   AS  A "C2'" 1 
HETATM 135 C  "C1'" A AS  A 1 6  ? -1.967  0.114   -3.228  0.52 26.91 ? 6   AS  A "C1'" 1 
HETATM 136 C  "C1'" B AS  A 1 6  ? -1.969  0.124   -3.221  0.48 26.82 ? 6   AS  A "C1'" 1 
HETATM 137 N  N9    . AS  A 1 6  ? -2.393  -1.018  -2.428  1.00 24.81 ? 6   AS  A N9    1 
HETATM 138 C  C8    . AS  A 1 6  ? -3.597  -1.159  -1.847  1.00 27.92 ? 6   AS  A C8    1 
HETATM 139 N  N7    . AS  A 1 6  ? -3.718  -2.256  -1.165  1.00 28.45 ? 6   AS  A N7    1 
HETATM 140 C  C5    . AS  A 1 6  ? -2.509  -2.873  -1.310  1.00 25.41 ? 6   AS  A C5    1 
HETATM 141 C  C6    . AS  A 1 6  ? -2.015  -4.088  -0.811  1.00 27.15 ? 6   AS  A C6    1 
HETATM 142 N  N6    . AS  A 1 6  ? -2.705  -4.932  -0.042  1.00 29.49 ? 6   AS  A N6    1 
HETATM 143 N  N1    . AS  A 1 6  ? -0.771  -4.406  -1.142  1.00 26.14 ? 6   AS  A N1    1 
HETATM 144 C  C2    . AS  A 1 6  ? -0.075  -3.566  -1.902  1.00 24.70 ? 6   AS  A C2    1 
HETATM 145 N  N3    . AS  A 1 6  ? -0.440  -2.410  -2.417  1.00 23.73 ? 6   AS  A N3    1 
HETATM 146 C  C4    . AS  A 1 6  ? -1.680  -2.121  -2.082  1.00 22.80 ? 6   AS  A C4    1 
HETATM 147 N  N1    . BRU A 1 7  ? -5.951  6.312   -7.401  1.00 23.28 ? 7   BRU A N1    1 
HETATM 148 C  C2    . BRU A 1 7  ? -6.972  7.370   -7.326  1.00 21.95 ? 7   BRU A C2    1 
HETATM 149 N  N3    . BRU A 1 7  ? -7.642  7.667   -6.032  1.00 21.84 ? 7   BRU A N3    1 
HETATM 150 C  C4    . BRU A 1 7  ? -7.286  6.882   -4.874  1.00 23.20 ? 7   BRU A C4    1 
HETATM 151 C  C5    . BRU A 1 7  ? -6.261  5.839   -4.992  1.00 24.89 ? 7   BRU A C5    1 
HETATM 152 C  C6    . BRU A 1 7  ? -5.594  5.531   -6.245  1.00 22.10 ? 7   BRU A C6    1 
HETATM 153 O  O2    . BRU A 1 7  ? -7.259  7.981   -8.295  1.00 24.24 ? 7   BRU A O2    1 
HETATM 154 O  O4    . BRU A 1 7  ? -7.792  7.056   -3.843  1.00 26.10 ? 7   BRU A O4    1 
HETATM 155 BR BR    . BRU A 1 7  ? -5.823  4.831   -3.387  1.00 35.71 ? 7   BRU A BR    1 
HETATM 156 C  "C1'" . BRU A 1 7  ? -5.296  6.013   -8.646  1.00 31.63 ? 7   BRU A "C1'" 1 
HETATM 157 C  "C2'" . BRU A 1 7  ? -4.058  6.465   -8.672  1.00 30.33 ? 7   BRU A "C2'" 1 
HETATM 158 C  "C3'" . BRU A 1 7  ? -3.239  5.309   -9.497  1.00 36.74 ? 7   BRU A "C3'" 1 
HETATM 159 C  "C4'" . BRU A 1 7  ? -3.761  4.097   -9.087  1.00 27.95 ? 7   BRU A "C4'" 1 
HETATM 160 O  "O3'" . BRU A 1 7  ? -3.506  5.488   -10.884 1.00 35.32 ? 7   BRU A "O3'" 1 
HETATM 161 O  "O4'" . BRU A 1 7  ? -5.194  4.401   -8.679  1.00 30.49 ? 7   BRU A "O4'" 1 
HETATM 162 C  "C5'" . BRU A 1 7  ? -3.044  3.472   -7.889  1.00 27.55 ? 7   BRU A "C5'" 1 
HETATM 163 O  "O5'" . BRU A 1 7  ? -2.713  4.407   -6.907  1.00 26.84 ? 7   BRU A "O5'" 1 
HETATM 164 P  P     . BRU A 1 7  ? -1.607  3.928   -5.837  1.00 26.11 ? 7   BRU A P     1 
HETATM 165 O  OP1   . BRU A 1 7  ? -0.298  3.803   -6.559  1.00 31.34 ? 7   BRU A OP1   1 
HETATM 166 O  OP2   . BRU A 1 7  ? -1.552  4.927   -4.717  1.00 31.83 ? 7   BRU A OP2   1 
ATOM   167 P  P     . DC  A 1 8  ? -2.303  5.769   -11.907 1.00 37.76 ? 8   DC  A P     1 
ATOM   168 O  OP1   . DC  A 1 8  ? -2.808  5.528   -13.269 1.00 35.86 ? 8   DC  A OP1   1 
ATOM   169 O  OP2   . DC  A 1 8  ? -1.103  5.051   -11.399 1.00 35.96 ? 8   DC  A OP2   1 
ATOM   170 O  "O5'" . DC  A 1 8  ? -2.013  7.319   -11.731 1.00 33.83 ? 8   DC  A "O5'" 1 
ATOM   171 C  "C5'" . DC  A 1 8  ? -2.997  8.273   -12.062 1.00 35.08 ? 8   DC  A "C5'" 1 
ATOM   172 C  "C4'" . DC  A 1 8  ? -2.604  9.623   -11.509 1.00 33.50 ? 8   DC  A "C4'" 1 
ATOM   173 O  "O4'" . DC  A 1 8  ? -3.020  9.715   -10.121 1.00 32.32 ? 8   DC  A "O4'" 1 
ATOM   174 C  "C3'" . DC  A 1 8  ? -1.096  9.890   -11.508 1.00 33.81 ? 8   DC  A "C3'" 1 
ATOM   175 O  "O3'" . DC  A 1 8  ? -0.860  11.248  -11.777 1.00 36.75 ? 8   DC  A "O3'" 1 
ATOM   176 C  "C2'" . DC  A 1 8  ? -0.689  9.538   -10.084 1.00 33.02 ? 8   DC  A "C2'" 1 
ATOM   177 C  "C1'" . DC  A 1 8  ? -1.901  10.041  -9.321  1.00 36.88 ? 8   DC  A "C1'" 1 
ATOM   178 N  N1    . DC  A 1 8  ? -2.102  9.403   -8.028  1.00 34.05 ? 8   DC  A N1    1 
ATOM   179 C  C2    . DC  A 1 8  ? -3.172  9.811   -7.259  1.00 33.46 ? 8   DC  A C2    1 
ATOM   180 O  O2    . DC  A 1 8  ? -3.894  10.713  -7.690  1.00 35.27 ? 8   DC  A O2    1 
ATOM   181 N  N3    . DC  A 1 8  ? -3.391  9.216   -6.069  1.00 32.73 ? 8   DC  A N3    1 
ATOM   182 C  C4    . DC  A 1 8  ? -2.586  8.244   -5.661  1.00 30.39 ? 8   DC  A C4    1 
ATOM   183 N  N4    . DC  A 1 8  ? -2.839  7.687   -4.483  1.00 32.78 ? 8   DC  A N4    1 
ATOM   184 C  C5    . DC  A 1 8  ? -1.473  7.814   -6.434  1.00 30.74 ? 8   DC  A C5    1 
ATOM   185 C  C6    . DC  A 1 8  ? -1.274  8.413   -7.609  1.00 31.81 ? 8   DC  A C6    1 
ATOM   186 P  P     . DG  A 1 9  ? -0.738  11.751  -13.294 1.00 43.90 ? 9   DG  A P     1 
ATOM   187 O  OP1   . DG  A 1 9  ? -1.878  11.183  -14.053 1.00 42.12 ? 9   DG  A OP1   1 
ATOM   188 O  OP2   . DG  A 1 9  ? 0.670   11.508  -13.683 1.00 36.54 ? 9   DG  A OP2   1 
ATOM   189 O  "O5'" . DG  A 1 9  ? -1.001  13.315  -13.207 1.00 34.23 ? 9   DG  A "O5'" 1 
ATOM   190 C  "C5'" . DG  A 1 9  ? -2.311  13.797  -12.938 1.00 31.14 ? 9   DG  A "C5'" 1 
ATOM   191 C  "C4'" . DG  A 1 9  ? -2.262  14.967  -11.964 1.00 38.20 ? 9   DG  A "C4'" 1 
ATOM   192 O  "O4'" . DG  A 1 9  ? -2.196  14.464  -10.601 1.00 35.68 ? 9   DG  A "O4'" 1 
ATOM   193 C  "C3'" . DG  A 1 9  ? -1.040  15.886  -12.098 1.00 40.42 ? 9   DG  A "C3'" 1 
ATOM   194 O  "O3'" . DG  A 1 9  ? -1.360  17.178  -11.591 1.00 41.75 ? 9   DG  A "O3'" 1 
ATOM   195 C  "C2'" . DG  A 1 9  ? -0.052  15.208  -11.168 1.00 34.18 ? 9   DG  A "C2'" 1 
ATOM   196 C  "C1'" . DG  A 1 9  ? -0.986  14.914  -10.010 1.00 36.26 ? 9   DG  A "C1'" 1 
ATOM   197 N  N9    . DG  A 1 9  ? -0.504  13.884  -9.132  1.00 34.53 ? 9   DG  A N9    1 
ATOM   198 C  C8    . DG  A 1 9  ? 0.568   13.061  -9.335  1.00 34.72 ? 9   DG  A C8    1 
ATOM   199 N  N7    . DG  A 1 9  ? 0.760   12.220  -8.364  1.00 35.09 ? 9   DG  A N7    1 
ATOM   200 C  C5    . DG  A 1 9  ? -0.259  12.504  -7.468  1.00 33.29 ? 9   DG  A C5    1 
ATOM   201 C  C6    . DG  A 1 9  ? -0.564  11.912  -6.233  1.00 33.45 ? 9   DG  A C6    1 
ATOM   202 O  O6    . DG  A 1 9  ? 0.021   10.989  -5.667  1.00 35.32 ? 9   DG  A O6    1 
ATOM   203 N  N1    . DG  A 1 9  ? -1.680  12.492  -5.647  1.00 35.89 ? 9   DG  A N1    1 
ATOM   204 C  C2    . DG  A 1 9  ? -2.405  13.521  -6.191  1.00 31.79 ? 9   DG  A C2    1 
ATOM   205 N  N2    . DG  A 1 9  ? -3.445  13.951  -5.480  1.00 33.71 ? 9   DG  A N2    1 
ATOM   206 N  N3    . DG  A 1 9  ? -2.129  14.087  -7.353  1.00 36.14 ? 9   DG  A N3    1 
ATOM   207 C  C4    . DG  A 1 9  ? -1.047  13.522  -7.933  1.00 34.21 ? 9   DG  A C4    1 
ATOM   208 P  P     . DG  A 1 10 ? -1.735  18.387  -12.573 1.00 36.96 ? 10  DG  A P     1 
ATOM   209 O  OP1   . DG  A 1 10 ? -2.839  17.960  -13.450 1.00 30.44 ? 10  DG  A OP1   1 
ATOM   210 O  OP2   . DG  A 1 10 ? -0.469  18.873  -13.177 1.00 50.91 ? 10  DG  A OP2   1 
ATOM   211 O  "O5'" . DG  A 1 10 ? -2.289  19.490  -11.563 1.00 33.65 ? 10  DG  A "O5'" 1 
ATOM   212 C  "C5'" . DG  A 1 10 ? -3.450  19.207  -10.814 1.00 31.35 ? 10  DG  A "C5'" 1 
ATOM   213 C  "C4'" . DG  A 1 10 ? -3.376  19.799  -9.421  1.00 33.60 ? 10  DG  A "C4'" 1 
ATOM   214 O  "O4'" . DG  A 1 10 ? -2.626  18.923  -8.542  1.00 35.75 ? 10  DG  A "O4'" 1 
ATOM   215 C  "C3'" . DG  A 1 10 ? -2.692  21.145  -9.309  1.00 34.82 ? 10  DG  A "C3'" 1 
ATOM   216 O  "O3'" . DG  A 1 10 ? -3.220  21.808  -8.184  1.00 35.03 ? 10  DG  A "O3'" 1 
ATOM   217 C  "C2'" . DG  A 1 10 ? -1.244  20.741  -9.060  1.00 37.32 ? 10  DG  A "C2'" 1 
ATOM   218 C  "C1'" . DG  A 1 10 ? -1.456  19.586  -8.093  1.00 39.19 ? 10  DG  A "C1'" 1 
ATOM   219 N  N9    . DG  A 1 10 ? -0.399  18.605  -8.096  1.00 36.66 ? 10  DG  A N9    1 
ATOM   220 C  C8    . DG  A 1 10 ? 0.537   18.390  -9.077  1.00 35.35 ? 10  DG  A C8    1 
ATOM   221 N  N7    . DG  A 1 10 ? 1.345   17.402  -8.801  1.00 40.92 ? 10  DG  A N7    1 
ATOM   222 C  C5    . DG  A 1 10 ? 0.896   16.927  -7.569  1.00 34.82 ? 10  DG  A C5    1 
ATOM   223 C  C6    . DG  A 1 10 ? 1.371   15.862  -6.770  1.00 35.62 ? 10  DG  A C6    1 
ATOM   224 O  O6    . DG  A 1 10 ? 2.310   15.095  -6.999  1.00 37.88 ? 10  DG  A O6    1 
ATOM   225 N  N1    . DG  A 1 10 ? 0.629   15.722  -5.601  1.00 34.47 ? 10  DG  A N1    1 
ATOM   226 C  C2    . DG  A 1 10 ? -0.436  16.514  -5.252  1.00 36.63 ? 10  DG  A C2    1 
ATOM   227 N  N2    . DG  A 1 10 ? -1.031  16.234  -4.086  1.00 37.46 ? 10  DG  A N2    1 
ATOM   228 N  N3    . DG  A 1 10 ? -0.886  17.512  -5.989  1.00 35.93 ? 10  DG  A N3    1 
ATOM   229 C  C4    . DG  A 1 10 ? -0.176  17.656  -7.131  1.00 35.63 ? 10  DG  A C4    1 
ATOM   230 O  "O5'" . DC  B 1 1  ? -9.950  -6.978  -11.921 1.00 40.56 ? 11  DC  B "O5'" 1 
ATOM   231 C  "C5'" . DC  B 1 1  ? -9.824  -7.781  -10.736 1.00 39.32 ? 11  DC  B "C5'" 1 
ATOM   232 C  "C4'" . DC  B 1 1  ? -10.226 -9.223  -10.993 1.00 42.91 ? 11  DC  B "C4'" 1 
ATOM   233 O  "O4'" . DC  B 1 1  ? -9.642  -9.657  -12.239 1.00 38.42 ? 11  DC  B "O4'" 1 
ATOM   234 C  "C3'" . DC  B 1 1  ? -9.682  -10.206 -9.979  1.00 38.56 ? 11  DC  B "C3'" 1 
ATOM   235 O  "O3'" . DC  B 1 1  ? -10.369 -11.429 -10.081 1.00 36.88 ? 11  DC  B "O3'" 1 
ATOM   236 C  "C2'" . DC  B 1 1  ? -8.241  -10.339 -10.461 1.00 39.86 ? 11  DC  B "C2'" 1 
ATOM   237 C  "C1'" . DC  B 1 1  ? -8.443  -10.358 -11.975 1.00 39.24 ? 11  DC  B "C1'" 1 
ATOM   238 N  N1    . DC  B 1 1  ? -7.366  -9.706  -12.749 1.00 35.77 ? 11  DC  B N1    1 
ATOM   239 C  C2    . DC  B 1 1  ? -6.158  -10.375 -12.963 1.00 36.79 ? 11  DC  B C2    1 
ATOM   240 O  O2    . DC  B 1 1  ? -5.994  -11.496 -12.468 1.00 35.15 ? 11  DC  B O2    1 
ATOM   241 N  N3    . DC  B 1 1  ? -5.198  -9.769  -13.701 1.00 35.42 ? 11  DC  B N3    1 
ATOM   242 C  C4    . DC  B 1 1  ? -5.421  -8.559  -14.215 1.00 33.02 ? 11  DC  B C4    1 
ATOM   243 N  N4    . DC  B 1 1  ? -4.456  -8.001  -14.940 1.00 36.55 ? 11  DC  B N4    1 
ATOM   244 C  C5    . DC  B 1 1  ? -6.645  -7.874  -14.018 1.00 33.08 ? 11  DC  B C5    1 
ATOM   245 C  C6    . DC  B 1 1  ? -7.586  -8.487  -13.294 1.00 33.90 ? 11  DC  B C6    1 
ATOM   246 P  P     . DC  B 1 2  ? -11.214 -11.995 -8.834  1.00 44.88 ? 12  DC  B P     1 
ATOM   247 O  OP1   . DC  B 1 2  ? -11.485 -13.439 -9.046  1.00 40.57 ? 12  DC  B OP1   1 
ATOM   248 O  OP2   . DC  B 1 2  ? -12.327 -11.046 -8.644  1.00 49.70 ? 12  DC  B OP2   1 
ATOM   249 O  "O5'" . DC  B 1 2  ? -10.201 -11.908 -7.605  1.00 42.43 ? 12  DC  B "O5'" 1 
ATOM   250 C  "C5'" . DC  B 1 2  ? -9.074  -12.801 -7.540  1.00 41.19 ? 12  DC  B "C5'" 1 
ATOM   251 C  "C4'" . DC  B 1 2  ? -8.053  -12.304 -6.533  1.00 35.77 ? 12  DC  B "C4'" 1 
ATOM   252 O  "O4'" . DC  B 1 2  ? -7.050  -11.508 -7.206  1.00 35.53 ? 12  DC  B "O4'" 1 
ATOM   253 C  "C3'" . DC  B 1 2  ? -8.635  -11.411 -5.443  1.00 38.42 ? 12  DC  B "C3'" 1 
ATOM   254 O  "O3'" . DC  B 1 2  ? -8.026  -11.685 -4.205  1.00 46.11 ? 12  DC  B "O3'" 1 
ATOM   255 C  "C2'" . DC  B 1 2  ? -8.275  -10.010 -5.922  1.00 35.16 ? 12  DC  B "C2'" 1 
ATOM   256 C  "C1'" . DC  B 1 2  ? -6.929  -10.263 -6.561  1.00 34.41 ? 12  DC  B "C1'" 1 
ATOM   257 N  N1    . DC  B 1 2  ? -6.577  -9.276  -7.575  1.00 30.14 ? 12  DC  B N1    1 
ATOM   258 C  C2    . DC  B 1 2  ? -5.422  -9.458  -8.304  1.00 31.37 ? 12  DC  B C2    1 
ATOM   259 O  O2    . DC  B 1 2  ? -4.722  -10.450 -8.063  1.00 36.12 ? 12  DC  B O2    1 
ATOM   260 N  N3    . DC  B 1 2  ? -5.092  -8.548  -9.253  1.00 34.40 ? 12  DC  B N3    1 
ATOM   261 C  C4    . DC  B 1 2  ? -5.884  -7.500  -9.471  1.00 34.10 ? 12  DC  B C4    1 
ATOM   262 N  N4    . DC  B 1 2  ? -5.523  -6.636  -10.421 1.00 33.68 ? 12  DC  B N4    1 
ATOM   263 C  C5    . DC  B 1 2  ? -7.077  -7.291  -8.723  1.00 33.99 ? 12  DC  B C5    1 
ATOM   264 C  C6    . DC  B 1 2  ? -7.383  -8.199  -7.793  1.00 34.88 ? 12  DC  B C6    1 
ATOM   265 P  P     . DG  B 1 3  ? -8.052  -13.162 -3.579  1.00 41.03 ? 13  DG  B P     1 
ATOM   266 O  OP1   . DG  B 1 3  ? -9.087  -13.968 -4.275  1.00 44.90 ? 13  DG  B OP1   1 
ATOM   267 O  OP2   . DG  B 1 3  ? -8.151  -12.944 -2.118  1.00 44.38 ? 13  DG  B OP2   1 
ATOM   268 O  "O5'" . DG  B 1 3  ? -6.597  -13.725 -3.947  1.00 37.83 ? 13  DG  B "O5'" 1 
ATOM   269 C  "C5'" . DG  B 1 3  ? -5.853  -14.446 -3.003  1.00 32.42 ? 13  DG  B "C5'" 1 
ATOM   270 C  "C4'" . DG  B 1 3  ? -4.445  -13.892 -2.871  1.00 34.29 ? 13  DG  B "C4'" 1 
ATOM   271 O  "O4'" . DG  B 1 3  ? -4.285  -12.689 -3.680  1.00 33.98 ? 13  DG  B "O4'" 1 
ATOM   272 C  "C3'" . DG  B 1 3  ? -4.078  -13.458 -1.451  1.00 34.78 ? 13  DG  B "C3'" 1 
ATOM   273 O  "O3'" . DG  B 1 3  ? -2.723  -13.565 -1.294  1.00 39.08 ? 13  DG  B "O3'" 1 
ATOM   274 C  "C2'" . DG  B 1 3  ? -4.467  -11.993 -1.470  1.00 35.85 ? 13  DG  B "C2'" 1 
ATOM   275 C  "C1'" . DG  B 1 3  ? -3.901  -11.620 -2.818  1.00 34.95 ? 13  DG  B "C1'" 1 
ATOM   276 N  N9    . DG  B 1 3  ? -4.431  -10.379 -3.335  1.00 33.98 ? 13  DG  B N9    1 
ATOM   277 C  C8    . DG  B 1 3  ? -5.571  -9.733  -2.928  1.00 29.48 ? 13  DG  B C8    1 
ATOM   278 N  N7    . DG  B 1 3  ? -5.796  -8.626  -3.583  1.00 32.30 ? 13  DG  B N7    1 
ATOM   279 C  C5    . DG  B 1 3  ? -4.737  -8.537  -4.478  1.00 28.36 ? 13  DG  B C5    1 
ATOM   280 C  C6    . DG  B 1 3  ? -4.452  -7.558  -5.449  1.00 26.97 ? 13  DG  B C6    1 
ATOM   281 O  O6    . DG  B 1 3  ? -5.100  -6.541  -5.720  1.00 26.60 ? 13  DG  B O6    1 
ATOM   282 N  N1    . DG  B 1 3  ? -3.279  -7.848  -6.147  1.00 31.02 ? 13  DG  B N1    1 
ATOM   283 C  C2    . DG  B 1 3  ? -2.487  -8.954  -5.929  1.00 28.00 ? 13  DG  B C2    1 
ATOM   284 N  N2    . DG  B 1 3  ? -1.394  -9.064  -6.688  1.00 28.44 ? 13  DG  B N2    1 
ATOM   285 N  N3    . DG  B 1 3  ? -2.747  -9.882  -5.019  1.00 27.35 ? 13  DG  B N3    1 
ATOM   286 C  C4    . DG  B 1 3  ? -3.887  -9.606  -4.335  1.00 32.13 ? 13  DG  B C4    1 
ATOM   287 P  P     . DA  B 1 4  ? -2.096  -14.766 -0.453  1.00 38.11 ? 14  DA  B P     1 
ATOM   288 O  OP1   . DA  B 1 4  ? -2.661  -15.994 -1.047  1.00 37.24 ? 14  DA  B OP1   1 
ATOM   289 O  OP2   . DA  B 1 4  ? -2.292  -14.448 0.985   1.00 34.97 ? 14  DA  B OP2   1 
ATOM   290 O  "O5'" . DA  B 1 4  ? -0.553  -14.684 -0.868  1.00 36.43 ? 14  DA  B "O5'" 1 
ATOM   291 C  "C5'" . DA  B 1 4  ? -0.233  -14.795 -2.240  1.00 31.54 ? 14  DA  B "C5'" 1 
ATOM   292 C  "C4'" . DA  B 1 4  ? 1.034   -14.048 -2.597  1.00 31.25 ? 14  DA  B "C4'" 1 
ATOM   293 O  "O4'" . DA  B 1 4  ? 0.726   -12.689 -2.973  1.00 36.59 ? 14  DA  B "O4'" 1 
ATOM   294 C  "C3'" . DA  B 1 4  ? 2.106   -13.955 -1.519  1.00 32.08 ? 14  DA  B "C3'" 1 
ATOM   295 O  "O3'" . DA  B 1 4  ? 3.355   -13.952 -2.173  1.00 37.54 ? 14  DA  B "O3'" 1 
ATOM   296 C  "C2'" . DA  B 1 4  ? 1.808   -12.612 -0.853  1.00 34.06 ? 14  DA  B "C2'" 1 
ATOM   297 C  "C1'" . DA  B 1 4  ? 1.245   -11.778 -2.012  1.00 36.66 ? 14  DA  B "C1'" 1 
ATOM   298 N  N9    . DA  B 1 4  ? 0.144   -10.904 -1.630  1.00 33.41 ? 14  DA  B N9    1 
ATOM   299 C  C8    . DA  B 1 4  ? -0.774  -11.122 -0.649  1.00 33.67 ? 14  DA  B C8    1 
ATOM   300 N  N7    . DA  B 1 4  ? -1.684  -10.183 -0.561  1.00 33.83 ? 14  DA  B N7    1 
ATOM   301 C  C5    . DA  B 1 4  ? -1.352  -9.301  -1.565  1.00 27.57 ? 14  DA  B C5    1 
ATOM   302 C  C6    . DA  B 1 4  ? -1.933  -8.096  -1.993  1.00 26.90 ? 14  DA  B C6    1 
ATOM   303 N  N6    . DA  B 1 4  ? -3.021  -7.561  -1.434  1.00 26.22 ? 14  DA  B N6    1 
ATOM   304 N  N1    . DA  B 1 4  ? -1.364  -7.469  -3.028  1.00 26.56 ? 14  DA  B N1    1 
ATOM   305 C  C2    . DA  B 1 4  ? -0.279  -8.008  -3.588  1.00 31.05 ? 14  DA  B C2    1 
ATOM   306 N  N3    . DA  B 1 4  ? 0.363   -9.133  -3.266  1.00 31.05 ? 14  DA  B N3    1 
ATOM   307 C  C4    . DA  B 1 4  ? -0.236  -9.737  -2.242  1.00 28.43 ? 14  DA  B C4    1 
ATOM   308 P  P     . DT  B 1 5  ? 4.725   -13.587 -1.418  1.00 40.17 ? 15  DT  B P     1 
ATOM   309 O  OP1   . DT  B 1 5  ? 5.760   -14.156 -2.305  1.00 31.39 ? 15  DT  B OP1   1 
ATOM   310 O  OP2   . DT  B 1 5  ? 4.651   -13.904 0.017   1.00 32.04 ? 15  DT  B OP2   1 
ATOM   311 O  "O5'" . DT  B 1 5  ? 4.824   -12.004 -1.524  1.00 38.02 ? 15  DT  B "O5'" 1 
ATOM   312 C  "C5'" . DT  B 1 5  ? 4.975   -11.386 -2.780  1.00 31.51 ? 15  DT  B "C5'" 1 
ATOM   313 C  "C4'" . DT  B 1 5  ? 5.086   -9.888  -2.602  1.00 36.59 ? 15  DT  B "C4'" 1 
ATOM   314 O  "O4'" . DT  B 1 5  ? 3.780   -9.324  -2.327  1.00 38.01 ? 15  DT  B "O4'" 1 
ATOM   315 C  "C3'" . DT  B 1 5  ? 5.985   -9.430  -1.435  1.00 35.40 ? 15  DT  B "C3'" 1 
ATOM   316 O  "O3'" . DT  B 1 5  ? 6.874   -8.479  -1.911  1.00 44.64 ? 15  DT  B "O3'" 1 
ATOM   317 C  "C2'" . DT  B 1 5  ? 4.999   -8.790  -0.456  1.00 29.10 ? 15  DT  B "C2'" 1 
ATOM   318 C  "C1'" . DT  B 1 5  ? 3.969   -8.269  -1.431  1.00 31.80 ? 15  DT  B "C1'" 1 
ATOM   319 N  N1    . DT  B 1 5  ? 2.683   -7.919  -0.814  1.00 33.68 ? 15  DT  B N1    1 
ATOM   320 C  C2    . DT  B 1 5  ? 2.013   -6.784  -1.248  1.00 34.68 ? 15  DT  B C2    1 
ATOM   321 O  O2    . DT  B 1 5  ? 2.415   -6.054  -2.148  1.00 32.02 ? 15  DT  B O2    1 
ATOM   322 N  N3    . DT  B 1 5  ? 0.845   -6.535  -0.598  1.00 28.20 ? 15  DT  B N3    1 
ATOM   323 C  C4    . DT  B 1 5  ? 0.280   -7.271  0.415   1.00 28.70 ? 15  DT  B C4    1 
ATOM   324 O  O4    . DT  B 1 5  ? -0.785  -6.949  0.933   1.00 33.96 ? 15  DT  B O4    1 
ATOM   325 C  C5    . DT  B 1 5  ? 1.024   -8.443  0.822   1.00 32.48 ? 15  DT  B C5    1 
ATOM   326 C  C7    . DT  B 1 5  ? 0.504   -9.322  1.924   1.00 30.25 ? 15  DT  B C7    1 
ATOM   327 C  C6    . DT  B 1 5  ? 2.186   -8.703  0.197   1.00 30.27 ? 15  DT  B C6    1 
HETATM 328 P  P     . AS  B 1 6  ? 8.399   -8.405  -1.477  1.00 45.06 ? 16  AS  B P     1 
HETATM 329 O  OP1   . AS  B 1 6  ? 9.082   -9.434  -2.338  1.00 50.29 ? 16  AS  B OP1   1 
HETATM 330 S  S2P   . AS  B 1 6  ? 8.530   -8.316  0.474   1.00 51.36 ? 16  AS  B S2P   1 
HETATM 331 O  "O5'" . AS  B 1 6  ? 8.710   -6.876  -1.872  1.00 34.21 ? 16  AS  B "O5'" 1 
HETATM 332 C  "C5'" . AS  B 1 6  ? 8.260   -6.370  -3.127  1.00 39.22 ? 16  AS  B "C5'" 1 
HETATM 333 C  "C4'" . AS  B 1 6  ? 7.851   -4.911  -3.091  1.00 33.68 ? 16  AS  B "C4'" 1 
HETATM 334 O  "O4'" . AS  B 1 6  ? 6.582   -4.779  -2.414  1.00 34.57 ? 16  AS  B "O4'" 1 
HETATM 335 C  "C3'" . AS  B 1 6  ? 8.804   -3.943  -2.385  1.00 40.32 ? 16  AS  B "C3'" 1 
HETATM 336 O  "O3'" . AS  B 1 6  ? 8.886   -2.704  -3.106  1.00 38.17 ? 16  AS  B "O3'" 1 
HETATM 337 C  "C2'" . AS  B 1 6  ? 8.150   -3.770  -1.004  1.00 38.21 ? 16  AS  B "C2'" 1 
HETATM 338 C  "C1'" . AS  B 1 6  ? 6.669   -3.863  -1.343  1.00 36.68 ? 16  AS  B "C1'" 1 
HETATM 339 N  N9    . AS  B 1 6  ? 5.835   -4.457  -0.315  1.00 31.66 ? 16  AS  B N9    1 
HETATM 340 C  C8    . AS  B 1 6  ? 6.141   -5.517  0.465   1.00 35.84 ? 16  AS  B C8    1 
HETATM 341 N  N7    . AS  B 1 6  ? 5.188   -5.851  1.289   1.00 35.06 ? 16  AS  B N7    1 
HETATM 342 C  C5    . AS  B 1 6  ? 4.189   -4.956  1.013   1.00 27.93 ? 16  AS  B C5    1 
HETATM 343 C  C6    . AS  B 1 6  ? 2.909   -4.783  1.549   1.00 29.52 ? 16  AS  B C6    1 
HETATM 344 N  N6    . AS  B 1 6  ? 2.395   -5.548  2.513   1.00 32.41 ? 16  AS  B N6    1 
HETATM 345 N  N1    . AS  B 1 6  ? 2.171   -3.789  1.064   1.00 31.36 ? 16  AS  B N1    1 
HETATM 346 C  C2    . AS  B 1 6  ? 2.677   -3.029  0.099   1.00 34.86 ? 16  AS  B C2    1 
HETATM 347 N  N3    . AS  B 1 6  ? 3.863   -3.110  -0.483  1.00 40.18 ? 16  AS  B N3    1 
HETATM 348 C  C4    . AS  B 1 6  ? 4.573   -4.100  0.030   1.00 28.10 ? 16  AS  B C4    1 
HETATM 349 N  N1    . BRU B 1 7  ? 5.861   -0.738  1.407   1.00 38.62 ? 17  BRU B N1    1 
HETATM 350 C  C2    . BRU B 1 7  ? 4.563   -0.831  2.102   1.00 35.99 ? 17  BRU B C2    1 
HETATM 351 N  N3    . BRU B 1 7  ? 4.327   -1.903  3.122   1.00 30.33 ? 17  BRU B N3    1 
HETATM 352 C  C4    . BRU B 1 7  ? 5.392   -2.844  3.400   1.00 30.23 ? 17  BRU B C4    1 
HETATM 353 C  C5    . BRU B 1 7  ? 6.661   -2.720  2.681   1.00 26.71 ? 17  BRU B C5    1 
HETATM 354 C  C6    . BRU B 1 7  ? 6.913   -1.690  1.680   1.00 28.00 ? 17  BRU B C6    1 
HETATM 355 O  O2    . BRU B 1 7  ? 3.712   -0.048  1.838   1.00 41.56 ? 17  BRU B O2    1 
HETATM 356 O  O4    . BRU B 1 7  ? 5.274   -3.708  4.184   1.00 31.58 ? 17  BRU B O4    1 
HETATM 357 BR BR    . BRU B 1 7  ? 8.031   -4.023  3.150   1.00 52.11 ? 17  BRU B BR    1 
HETATM 358 C  "C1'" . BRU B 1 7  ? 6.048   0.297   0.408   1.00 36.21 ? 17  BRU B "C1'" 1 
HETATM 359 C  "C2'" . BRU B 1 7  ? 7.182   0.914   0.583   1.00 38.63 ? 17  BRU B "C2'" 1 
HETATM 360 C  "C3'" . BRU B 1 7  ? 7.651   1.379   -0.914  1.00 44.29 ? 17  BRU B "C3'" 1 
HETATM 361 C  "C4'" . BRU B 1 7  ? 7.088   0.502   -1.810  1.00 40.96 ? 17  BRU B "C4'" 1 
HETATM 362 O  "O3'" . BRU B 1 7  ? 7.147   2.669   -1.206  1.00 41.86 ? 17  BRU B "O3'" 1 
HETATM 363 O  "O4'" . BRU B 1 7  ? 6.252   -0.471  -0.988  1.00 39.56 ? 17  BRU B "O4'" 1 
HETATM 364 C  "C5'" . BRU B 1 7  ? 8.164   -0.251  -2.592  1.00 37.59 ? 17  BRU B "C5'" 1 
HETATM 365 O  "O5'" . BRU B 1 7  ? 9.096   -0.774  -1.703  1.00 41.64 ? 17  BRU B "O5'" 1 
HETATM 366 P  P     . BRU B 1 7  ? 9.995   -1.958  -2.306  1.00 45.13 ? 17  BRU B P     1 
HETATM 367 O  OP1   . BRU B 1 7  ? 10.671  -1.431  -3.553  1.00 44.99 ? 17  BRU B OP1   1 
HETATM 368 O  OP2   . BRU B 1 7  ? 10.988  -2.475  -1.274  1.00 39.45 ? 17  BRU B OP2   1 
ATOM   369 P  P     . DC  B 1 8  ? 7.625   3.944   -0.358  1.00 42.64 ? 18  DC  B P     1 
ATOM   370 O  OP1   . DC  B 1 8  ? 7.865   5.022   -1.345  1.00 54.90 ? 18  DC  B OP1   1 
ATOM   371 O  OP2   . DC  B 1 8  ? 8.660   3.565   0.631   1.00 44.25 ? 18  DC  B OP2   1 
ATOM   372 O  "O5'" . DC  B 1 8  ? 6.333   4.336   0.481   1.00 44.36 ? 18  DC  B "O5'" 1 
ATOM   373 C  "C5'" . DC  B 1 8  ? 5.058   4.134   -0.078  1.00 41.84 ? 18  DC  B "C5'" 1 
ATOM   374 C  "C4'" . DC  B 1 8  ? 3.990   4.400   0.952   1.00 41.21 ? 18  DC  B "C4'" 1 
ATOM   375 O  "O4'" . DC  B 1 8  ? 3.872   3.266   1.860   1.00 41.68 ? 18  DC  B "O4'" 1 
ATOM   376 C  "C3'" . DC  B 1 8  ? 4.254   5.598   1.835   1.00 46.30 ? 18  DC  B "C3'" 1 
ATOM   377 O  "O3'" . DC  B 1 8  ? 3.036   6.187   2.142   1.00 45.09 ? 18  DC  B "O3'" 1 
ATOM   378 C  "C2'" . DC  B 1 8  ? 4.893   4.965   3.082   1.00 44.34 ? 18  DC  B "C2'" 1 
ATOM   379 C  "C1'" . DC  B 1 8  ? 4.054   3.707   3.194   1.00 42.17 ? 18  DC  B "C1'" 1 
ATOM   380 N  N1    . DC  B 1 8  ? 4.688   2.604   3.951   1.00 41.91 ? 18  DC  B N1    1 
ATOM   381 C  C2    . DC  B 1 8  ? 3.951   1.935   4.924   1.00 38.79 ? 18  DC  B C2    1 
ATOM   382 O  O2    . DC  B 1 8  ? 2.786   2.304   5.154   1.00 39.80 ? 18  DC  B O2    1 
ATOM   383 N  N3    . DC  B 1 8  ? 4.529   0.899   5.587   1.00 36.97 ? 18  DC  B N3    1 
ATOM   384 C  C4    . DC  B 1 8  ? 5.783   0.539   5.298   1.00 33.27 ? 18  DC  B C4    1 
ATOM   385 N  N4    . DC  B 1 8  ? 6.312   -0.485  5.975   1.00 36.02 ? 18  DC  B N4    1 
ATOM   386 C  C5    . DC  B 1 8  ? 6.548   1.212   4.307   1.00 32.65 ? 18  DC  B C5    1 
ATOM   387 C  C6    . DC  B 1 8  ? 5.965   2.223   3.659   1.00 38.30 ? 18  DC  B C6    1 
ATOM   388 P  P     . DG  B 1 9  ? 3.015   7.622   2.842   1.00 52.84 ? 19  DG  B P     1 
ATOM   389 O  OP1   . DG  B 1 9  ? 1.883   8.343   2.237   1.00 53.87 ? 19  DG  B OP1   1 
ATOM   390 O  OP2   . DG  B 1 9  ? 4.406   8.142   2.830   1.00 49.01 ? 19  DG  B OP2   1 
ATOM   391 O  "O5'" . DG  B 1 9  ? 2.644   7.326   4.355   1.00 40.38 ? 19  DG  B "O5'" 1 
ATOM   392 C  "C5'" . DG  B 1 9  ? 1.497   6.573   4.670   1.00 43.43 ? 19  DG  B "C5'" 1 
ATOM   393 C  "C4'" . DG  B 1 9  ? 1.333   6.499   6.172   1.00 41.69 ? 19  DG  B "C4'" 1 
ATOM   394 O  "O4'" . DG  B 1 9  ? 2.141   5.408   6.694   1.00 42.94 ? 19  DG  B "O4'" 1 
ATOM   395 C  "C3'" . DG  B 1 9  ? 1.814   7.742   6.908   1.00 48.54 ? 19  DG  B "C3'" 1 
ATOM   396 O  "O3'" . DG  B 1 9  ? 1.056   7.905   8.082   1.00 49.94 ? 19  DG  B "O3'" 1 
ATOM   397 C  "C2'" . DG  B 1 9  ? 3.260   7.378   7.234   1.00 43.41 ? 19  DG  B "C2'" 1 
ATOM   398 C  "C1'" . DG  B 1 9  ? 3.078   5.923   7.610   1.00 39.39 ? 19  DG  B "C1'" 1 
ATOM   399 N  N9    . DG  B 1 9  ? 4.289   5.135   7.530   1.00 39.15 ? 19  DG  B N9    1 
ATOM   400 C  C8    . DG  B 1 9  ? 5.434   5.430   6.831   1.00 41.06 ? 19  DG  B C8    1 
ATOM   401 N  N7    . DG  B 1 9  ? 6.364   4.524   6.963   1.00 41.32 ? 19  DG  B N7    1 
ATOM   402 C  C5    . DG  B 1 9  ? 5.796   3.573   7.809   1.00 34.38 ? 19  DG  B C5    1 
ATOM   403 C  C6    . DG  B 1 9  ? 6.322   2.363   8.308   1.00 31.48 ? 19  DG  B C6    1 
ATOM   404 O  O6    . DG  B 1 9  ? 7.426   1.860   8.099   1.00 38.10 ? 19  DG  B O6    1 
ATOM   405 N  N1    . DG  B 1 9  ? 5.416   1.709   9.128   1.00 32.38 ? 19  DG  B N1    1 
ATOM   406 C  C2    . DG  B 1 9  ? 4.163   2.163   9.431   1.00 31.55 ? 19  DG  B C2    1 
ATOM   407 N  N2    . DG  B 1 9  ? 3.434   1.389   10.243  1.00 39.76 ? 19  DG  B N2    1 
ATOM   408 N  N3    . DG  B 1 9  ? 3.653   3.286   8.968   1.00 36.95 ? 19  DG  B N3    1 
ATOM   409 C  C4    . DG  B 1 9  ? 4.525   3.938   8.165   1.00 36.80 ? 19  DG  B C4    1 
ATOM   410 P  P     . DG  B 1 10 ? 0.164   9.219   8.283   1.00 49.41 ? 20  DG  B P     1 
ATOM   411 O  OP1   . DG  B 1 10 ? -0.941  9.158   7.300   1.00 42.46 ? 20  DG  B OP1   1 
ATOM   412 O  OP2   . DG  B 1 10 ? 1.088   10.380  8.360   1.00 36.94 ? 20  DG  B OP2   1 
ATOM   413 O  "O5'" . DG  B 1 10 ? -0.474  9.009   9.712   1.00 37.26 ? 20  DG  B "O5'" 1 
ATOM   414 C  "C5'" . DG  B 1 10 ? -1.361  7.946   9.943   1.00 36.78 ? 20  DG  B "C5'" 1 
ATOM   415 C  "C4'" . DG  B 1 10 ? -1.079  7.332   11.296  1.00 44.05 ? 20  DG  B "C4'" 1 
ATOM   416 O  "O4'" . DG  B 1 10 ? 0.169   6.594   11.228  1.00 43.47 ? 20  DG  B "O4'" 1 
ATOM   417 C  "C3'" . DG  B 1 10 ? -0.890  8.341   12.422  1.00 36.84 ? 20  DG  B "C3'" 1 
ATOM   418 O  "O3'" . DG  B 1 10 ? -1.307  7.774   13.632  1.00 45.85 ? 20  DG  B "O3'" 1 
ATOM   419 C  "C2'" . DG  B 1 10 ? 0.612   8.546   12.422  1.00 41.70 ? 20  DG  B "C2'" 1 
ATOM   420 C  "C1'" . DG  B 1 10 ? 1.081   7.128   12.151  1.00 41.52 ? 20  DG  B "C1'" 1 
ATOM   421 N  N9    . DG  B 1 10 ? 2.410   7.067   11.576  1.00 41.60 ? 20  DG  B N9    1 
ATOM   422 C  C8    . DG  B 1 10 ? 3.017   8.025   10.795  1.00 43.27 ? 20  DG  B C8    1 
ATOM   423 N  N7    . DG  B 1 10 ? 4.232   7.705   10.434  1.00 37.57 ? 20  DG  B N7    1 
ATOM   424 C  C5    . DG  B 1 10 ? 4.440   6.453   11.012  1.00 35.54 ? 20  DG  B C5    1 
ATOM   425 C  C6    . DG  B 1 10 ? 5.574   5.613   10.970  1.00 34.72 ? 20  DG  B C6    1 
ATOM   426 O  O6    . DG  B 1 10 ? 6.649   5.807   10.378  1.00 32.39 ? 20  DG  B O6    1 
ATOM   427 N  N1    . DG  B 1 10 ? 5.375   4.445   11.699  1.00 30.89 ? 20  DG  B N1    1 
ATOM   428 C  C2    . DG  B 1 10 ? 4.223   4.128   12.384  1.00 35.36 ? 20  DG  B C2    1 
ATOM   429 N  N2    . DG  B 1 10 ? 4.221   2.947   13.019  1.00 35.17 ? 20  DG  B N2    1 
ATOM   430 N  N3    . DG  B 1 10 ? 3.147   4.901   12.430  1.00 31.49 ? 20  DG  B N3    1 
ATOM   431 C  C4    . DG  B 1 10 ? 3.328   6.047   11.721  1.00 36.92 ? 20  DG  B C4    1 
HETATM 432 CA CA    . CA  C 2 .  ? -1.603  -14.042 -6.662  1.00 48.92 ? 101 CA  B CA    1 
HETATM 433 O  O     . HOH D 3 .  ? 2.064   1.133   0.572   1.00 30.44 ? 101 HOH A O     1 
HETATM 434 O  O     . HOH D 3 .  ? -4.093  13.335  -9.562  1.00 34.72 ? 102 HOH A O     1 
HETATM 435 O  O     . HOH D 3 .  ? 6.682   -4.113  6.857   1.00 38.39 ? 103 HOH A O     1 
HETATM 436 O  O     . HOH D 3 .  ? -5.072  -0.079  12.367  1.00 49.25 ? 104 HOH A O     1 
HETATM 437 O  O     . HOH D 3 .  ? -4.356  16.505  -4.703  1.00 42.60 ? 105 HOH A O     1 
HETATM 438 O  O     . HOH D 3 .  ? -0.349  2.294   -10.801 0.50 41.33 ? 106 HOH A O     1 
HETATM 439 O  O     . HOH D 3 .  ? -4.638  6.756   -15.235 1.00 36.60 ? 107 HOH A O     1 
HETATM 440 O  O     . HOH D 3 .  ? -6.920  1.123   -2.661  0.47 29.02 ? 108 HOH A O     1 
HETATM 441 O  O     . HOH D 3 .  ? -0.936  8.638   -15.359 1.00 42.66 ? 109 HOH A O     1 
HETATM 442 O  O     . HOH D 3 .  ? -5.906  5.820   -13.033 1.00 39.92 ? 110 HOH A O     1 
HETATM 443 O  O     . HOH D 3 .  ? -5.722  15.594  -6.878  1.00 33.12 ? 111 HOH A O     1 
HETATM 444 O  O     . HOH D 3 .  ? -4.281  -1.899  14.566  1.00 39.08 ? 112 HOH A O     1 
HETATM 445 O  O     A HOH D 3 .  ? -5.713  1.121   -0.776  0.52 26.95 ? 113 HOH A O     1 
HETATM 446 O  O     . HOH D 3 .  ? -7.594  6.488   -0.289  1.00 35.08 ? 114 HOH A O     1 
HETATM 447 O  O     . HOH D 3 .  ? -1.306  22.829  -13.162 1.00 28.86 ? 115 HOH A O     1 
HETATM 448 O  O     . HOH D 3 .  ? 1.581   -2.021  16.072  1.00 45.01 ? 116 HOH A O     1 
HETATM 449 O  O     . HOH E 3 .  ? -7.286  -5.998  -5.001  1.00 34.74 ? 201 HOH B O     1 
HETATM 450 O  O     . HOH E 3 .  ? -3.664  -12.570 -6.013  1.00 34.99 ? 202 HOH B O     1 
HETATM 451 O  O     . HOH E 3 .  ? -7.010  -13.217 -11.068 1.00 36.07 ? 203 HOH B O     1 
HETATM 452 O  O     . HOH E 3 .  ? 6.576   7.995   4.009   1.00 39.23 ? 204 HOH B O     1 
HETATM 453 O  O     . HOH E 3 .  ? 2.089   -9.980  -4.895  1.00 33.28 ? 205 HOH B O     1 
HETATM 454 O  O     . HOH E 3 .  ? -0.977  -11.929 -5.267  1.00 39.07 ? 206 HOH B O     1 
HETATM 455 O  O     . HOH E 3 .  ? -5.575  -13.129 -8.825  1.00 37.04 ? 207 HOH B O     1 
HETATM 456 O  O     . HOH E 3 .  ? 0.904   -10.503 -7.058  1.00 30.76 ? 208 HOH B O     1 
HETATM 457 O  O     . HOH E 3 .  ? 9.112   -0.575  5.117   1.00 32.04 ? 209 HOH B O     1 
HETATM 458 O  O     . HOH E 3 .  ? -1.167  13.224  8.197   1.00 43.36 ? 210 HOH B O     1 
HETATM 459 O  O     . HOH E 3 .  ? 4.740   -7.392  -5.613  1.00 40.90 ? 211 HOH B O     1 
HETATM 460 O  O     . HOH E 3 .  ? 12.633  -7.782  -1.397  0.50 47.16 ? 212 HOH B O     1 
# 
